data_7N2S
#
_entry.id   7N2S
#
_cell.length_a   83.211
_cell.length_b   52.789
_cell.length_c   106.291
_cell.angle_alpha   90.000
_cell.angle_beta   98.278
_cell.angle_gamma   90.000
#
_symmetry.space_group_name_H-M   'P 1 21 1'
#
loop_
_entity.id
_entity.type
_entity.pdbx_description
1 polymer 'Pre-MRNA Processing Factor 3'
2 polymer 'Human leukocyte antigen (HLA) B27'
3 polymer Beta-2-microglobulin
4 polymer 'T cell receptor alpha chain'
5 polymer 'T cell receptor beta chain'
6 non-polymer GLYCEROL
7 non-polymer 2-acetamido-2-deoxy-beta-D-glucopyranose
8 water water
#
loop_
_entity_poly.entity_id
_entity_poly.type
_entity_poly.pdbx_seq_one_letter_code
_entity_poly.pdbx_strand_id
1 'polypeptide(L)' TRLALIAPK C
2 'polypeptide(L)'
;GSHSMRYFHTSVSRPGRGEPRFITVGYVDDTLFVRFDSDAASPREEPRAPWIEQEGPEYWDRETQISKAKAQTDREDLRT
LLRYYNQSEAGSHTLQNMYGCDVGPDGRLLRGYHQDAYDGKDYIALNEDLSSWTAADTAAQITQRKWEAARVAEQLRAYL
EGECVEWLRRYLENGKETLQRADPPKTHVTHHPISDHEATLRCWALGFYPAEITLTWQRDGEDQTQDTELVETRPAGDRT
FQKWAAVVVPSGEEQRYTCHVQHEGLPKPLTLRWEPSS
;
A
3 'polypeptide(L)'
;MIQRTPKIQVYSRHPAENGKSNFLNCYVSGFHPSDIEVDLLKNGERIEKVEHSDLSFSKDWSFYLLYYTEFTPTEKDEYA
CRVNHVTLSQPKIVKWDRDM
;
B
4 'polypeptide(L)'
;KQEVTQIPAALSVPEGENLVLNCSFTDSAIYNLQWFRQDPGKGLTSLLLIQSSQREQTSGRLNASLDKSSGRSTLYIAAS
QPGDSATYLCAVSLGTGAGSYQLTFGKGTKLSVIPYIQNPDPAVYQLRDSKSSDKSVCLFTDFDSQTNVSQSKDSDVYIT
DKCVLDMRSMDFKSNSAVAWSNKSDFACANAFNNSIIPEDTFFPSPESS
;
D
5 'polypeptide(L)'
;GVTQTPKHLITATGQRVTLRCSPRSGDLSVYWYQQSLDQGLQFLIQYYNGEERAKGNILERFSAQQFPDLHSELNLSSLE
LGDSALYFCASSVGLYSTDTQYFGPGTRLTVLEDLKNVFPPEVAVFEPSEAEISHTQKATLVCLATGFYPDHVELSWWVN
GKEVHSGVCTDPQPLKEQPALNDSRYALSSRLRVSATFWQNPRNHFRCQVQFYGLSENDEWTQDRAKPVTQIVSAEAWGR
AD
;
F
#
loop_
_chem_comp.id
_chem_comp.type
_chem_comp.name
_chem_comp.formula
GOL non-polymer GLYCEROL 'C3 H8 O3'
NAG D-saccharide, beta linking 2-acetamido-2-deoxy-beta-D-glucopyranose 'C8 H15 N O6'
#
# COMPACT_ATOMS: atom_id res chain seq x y z
N THR A 1 0.35 -14.00 -9.66
CA THR A 1 0.96 -12.75 -9.21
C THR A 1 1.32 -12.84 -7.72
N ARG A 2 2.23 -11.98 -7.28
CA ARG A 2 2.68 -11.99 -5.91
C ARG A 2 1.69 -11.25 -5.01
N LEU A 3 1.96 -11.26 -3.71
CA LEU A 3 1.13 -10.60 -2.72
C LEU A 3 1.59 -9.15 -2.55
N ALA A 4 0.68 -8.22 -2.77
CA ALA A 4 0.97 -6.80 -2.61
C ALA A 4 0.72 -6.42 -1.15
N LEU A 5 1.73 -6.65 -0.32
CA LEU A 5 1.62 -6.40 1.11
C LEU A 5 2.95 -5.90 1.65
N ILE A 6 2.87 -4.90 2.52
CA ILE A 6 4.04 -4.35 3.23
C ILE A 6 3.68 -4.34 4.70
N ALA A 7 4.21 -5.29 5.47
CA ALA A 7 3.90 -5.45 6.88
C ALA A 7 5.17 -5.75 7.66
N PRO A 8 5.83 -4.74 8.22
CA PRO A 8 7.00 -5.00 9.05
C PRO A 8 6.62 -5.70 10.35
N LYS A 9 7.63 -6.28 10.98
CA LYS A 9 7.42 -7.01 12.23
C LYS A 9 7.66 -6.13 13.45
N GLY B 1 -5.27 -33.30 -10.66
CA GLY B 1 -5.88 -33.33 -9.34
C GLY B 1 -5.76 -31.99 -8.60
N SER B 2 -5.11 -32.04 -7.45
CA SER B 2 -4.89 -30.84 -6.64
C SER B 2 -3.65 -30.09 -7.12
N HIS B 3 -3.75 -28.77 -7.16
CA HIS B 3 -2.65 -27.91 -7.59
C HIS B 3 -2.42 -26.84 -6.56
N SER B 4 -1.23 -26.23 -6.61
CA SER B 4 -0.85 -25.23 -5.62
C SER B 4 0.11 -24.23 -6.25
N MET B 5 0.09 -23.01 -5.71
CA MET B 5 1.04 -21.97 -6.07
C MET B 5 1.73 -21.49 -4.80
N ARG B 6 3.07 -21.45 -4.82
CA ARG B 6 3.86 -21.13 -3.66
C ARG B 6 4.85 -20.01 -3.99
N TYR B 7 5.10 -19.16 -2.99
CA TYR B 7 6.10 -18.10 -3.10
C TYR B 7 7.00 -18.16 -1.87
N PHE B 8 8.28 -18.42 -2.10
CA PHE B 8 9.26 -18.53 -1.03
C PHE B 8 10.11 -17.28 -0.97
N HIS B 9 10.53 -16.91 0.25
CA HIS B 9 11.36 -15.73 0.46
C HIS B 9 12.44 -16.06 1.48
N THR B 10 13.63 -15.51 1.26
CA THR B 10 14.76 -15.73 2.15
C THR B 10 15.60 -14.47 2.24
N SER B 11 15.88 -14.03 3.46
CA SER B 11 16.68 -12.84 3.71
C SER B 11 17.76 -13.17 4.73
N VAL B 12 19.01 -13.07 4.31
CA VAL B 12 20.16 -13.34 5.17
C VAL B 12 20.96 -12.06 5.30
N SER B 13 21.22 -11.65 6.53
CA SER B 13 21.93 -10.39 6.79
C SER B 13 23.43 -10.56 6.56
N ARG B 14 24.05 -9.52 5.99
CA ARG B 14 25.49 -9.47 5.74
C ARG B 14 26.05 -8.27 6.47
N PRO B 15 26.32 -8.38 7.77
CA PRO B 15 26.80 -7.22 8.55
C PRO B 15 28.15 -6.75 8.05
N GLY B 16 28.23 -5.47 7.67
CA GLY B 16 29.44 -4.88 7.16
C GLY B 16 29.70 -5.12 5.68
N ARG B 17 29.04 -6.09 5.07
CA ARG B 17 29.21 -6.39 3.66
C ARG B 17 28.26 -5.62 2.76
N GLY B 18 27.27 -4.91 3.32
CA GLY B 18 26.31 -4.15 2.56
C GLY B 18 24.88 -4.58 2.87
N GLU B 19 24.04 -4.53 1.84
CA GLU B 19 22.65 -4.91 2.01
C GLU B 19 22.54 -6.42 2.26
N PRO B 20 21.51 -6.85 2.99
CA PRO B 20 21.27 -8.29 3.15
C PRO B 20 20.87 -8.93 1.84
N ARG B 21 21.30 -10.17 1.65
CA ARG B 21 20.97 -10.91 0.43
C ARG B 21 19.51 -11.34 0.48
N PHE B 22 18.81 -11.14 -0.63
CA PHE B 22 17.38 -11.44 -0.73
C PHE B 22 17.14 -12.31 -1.95
N ILE B 23 16.64 -13.53 -1.73
CA ILE B 23 16.34 -14.47 -2.80
C ILE B 23 14.91 -14.95 -2.62
N THR B 24 14.09 -14.79 -3.67
CA THR B 24 12.70 -15.23 -3.65
C THR B 24 12.42 -16.01 -4.92
N VAL B 25 11.57 -17.04 -4.80
CA VAL B 25 11.21 -17.90 -5.91
C VAL B 25 9.72 -18.19 -5.85
N GLY B 26 9.15 -18.50 -7.00
CA GLY B 26 7.74 -18.86 -7.09
C GLY B 26 7.58 -20.21 -7.76
N TYR B 27 6.70 -21.03 -7.21
CA TYR B 27 6.49 -22.40 -7.70
C TYR B 27 5.01 -22.64 -7.96
N VAL B 28 4.71 -23.25 -9.09
CA VAL B 28 3.40 -23.83 -9.37
C VAL B 28 3.59 -25.34 -9.37
N ASP B 29 3.09 -26.00 -8.34
CA ASP B 29 3.36 -27.42 -8.06
C ASP B 29 4.86 -27.56 -7.87
N ASP B 30 5.57 -28.33 -8.69
CA ASP B 30 7.01 -28.49 -8.56
C ASP B 30 7.77 -27.83 -9.71
N THR B 31 7.22 -26.74 -10.25
CA THR B 31 7.81 -26.06 -11.41
C THR B 31 8.12 -24.62 -11.04
N LEU B 32 9.40 -24.27 -11.10
CA LEU B 32 9.81 -22.88 -10.88
C LEU B 32 9.46 -22.03 -12.10
N PHE B 33 8.87 -20.85 -11.85
CA PHE B 33 8.49 -20.00 -12.98
C PHE B 33 8.89 -18.54 -12.83
N VAL B 34 9.22 -18.05 -11.64
CA VAL B 34 9.68 -16.67 -11.46
C VAL B 34 10.83 -16.67 -10.45
N ARG B 35 11.67 -15.63 -10.54
CA ARG B 35 12.82 -15.52 -9.67
C ARG B 35 13.22 -14.06 -9.54
N PHE B 36 13.73 -13.71 -8.36
CA PHE B 36 14.26 -12.37 -8.11
C PHE B 36 15.40 -12.48 -7.12
N ASP B 37 16.59 -12.04 -7.53
CA ASP B 37 17.78 -12.09 -6.70
C ASP B 37 18.28 -10.68 -6.47
N SER B 38 18.61 -10.37 -5.20
CA SER B 38 19.09 -9.04 -4.88
C SER B 38 20.51 -8.80 -5.41
N ASP B 39 21.30 -9.86 -5.55
CA ASP B 39 22.67 -9.74 -6.06
C ASP B 39 22.72 -9.92 -7.57
N ALA B 40 21.86 -9.20 -8.29
CA ALA B 40 21.80 -9.24 -9.75
C ALA B 40 22.25 -7.91 -10.33
N ALA B 41 22.85 -7.97 -11.53
CA ALA B 41 23.30 -6.75 -12.18
C ALA B 41 22.16 -5.77 -12.37
N SER B 42 20.99 -6.28 -12.74
CA SER B 42 19.77 -5.47 -12.83
C SER B 42 18.64 -6.30 -12.23
N PRO B 43 18.43 -6.24 -10.92
CA PRO B 43 17.46 -7.12 -10.28
C PRO B 43 16.04 -6.85 -10.76
N ARG B 44 15.42 -7.90 -11.30
CA ARG B 44 14.07 -7.84 -11.81
C ARG B 44 13.48 -9.24 -11.74
N GLU B 45 12.15 -9.31 -11.57
CA GLU B 45 11.48 -10.62 -11.57
C GLU B 45 11.74 -11.35 -12.88
N GLU B 46 12.62 -12.34 -12.84
CA GLU B 46 13.00 -13.05 -14.05
C GLU B 46 12.15 -14.30 -14.24
N PRO B 47 11.77 -14.62 -15.47
CA PRO B 47 10.99 -15.83 -15.72
C PRO B 47 11.86 -17.08 -15.68
N ARG B 48 11.22 -18.20 -15.34
CA ARG B 48 11.88 -19.50 -15.32
C ARG B 48 11.07 -20.60 -15.98
N ALA B 49 9.91 -20.27 -16.56
CA ALA B 49 9.10 -21.21 -17.31
C ALA B 49 8.64 -20.55 -18.61
N PRO B 50 8.50 -21.34 -19.68
CA PRO B 50 8.13 -20.74 -20.97
C PRO B 50 6.72 -20.16 -20.99
N TRP B 51 5.81 -20.69 -20.16
CA TRP B 51 4.42 -20.25 -20.18
C TRP B 51 4.17 -18.99 -19.35
N ILE B 52 5.21 -18.38 -18.78
CA ILE B 52 5.06 -17.13 -18.05
C ILE B 52 5.62 -15.93 -18.81
N GLU B 53 6.46 -16.16 -19.83
CA GLU B 53 6.98 -15.06 -20.64
C GLU B 53 5.87 -14.33 -21.40
N GLN B 54 4.69 -14.96 -21.54
CA GLN B 54 3.59 -14.36 -22.28
C GLN B 54 2.99 -13.14 -21.60
N GLU B 55 3.37 -12.85 -20.36
CA GLU B 55 2.81 -11.71 -19.65
C GLU B 55 3.41 -10.41 -20.16
N GLY B 56 2.60 -9.34 -20.12
CA GLY B 56 3.00 -8.05 -20.59
C GLY B 56 4.04 -7.39 -19.69
N PRO B 57 4.58 -6.25 -20.14
CA PRO B 57 5.58 -5.55 -19.31
C PRO B 57 5.03 -5.04 -17.99
N GLU B 58 3.74 -4.70 -17.93
CA GLU B 58 3.15 -4.23 -16.68
C GLU B 58 3.14 -5.33 -15.62
N TYR B 59 3.06 -6.59 -16.03
CA TYR B 59 3.12 -7.69 -15.08
C TYR B 59 4.49 -7.74 -14.40
N TRP B 60 5.56 -7.69 -15.19
CA TRP B 60 6.90 -7.78 -14.63
C TRP B 60 7.27 -6.54 -13.83
N ASP B 61 6.67 -5.39 -14.16
CA ASP B 61 6.95 -4.18 -13.39
C ASP B 61 6.35 -4.27 -11.99
N ARG B 62 5.16 -4.86 -11.86
CA ARG B 62 4.55 -5.04 -10.55
C ARG B 62 5.32 -6.06 -9.72
N GLU B 63 5.63 -7.22 -10.32
CA GLU B 63 6.32 -8.27 -9.58
C GLU B 63 7.71 -7.82 -9.12
N THR B 64 8.36 -6.97 -9.91
CA THR B 64 9.66 -6.43 -9.49
C THR B 64 9.49 -5.40 -8.38
N GLN B 65 8.51 -4.52 -8.51
CA GLN B 65 8.25 -3.54 -7.46
C GLN B 65 7.84 -4.22 -6.16
N ILE B 66 7.06 -5.31 -6.26
CA ILE B 66 6.64 -6.02 -5.05
C ILE B 66 7.83 -6.73 -4.41
N SER B 67 8.67 -7.38 -5.22
CA SER B 67 9.82 -8.09 -4.68
C SER B 67 10.80 -7.13 -4.02
N LYS B 68 11.01 -5.96 -4.63
CA LYS B 68 11.90 -4.97 -4.02
C LYS B 68 11.32 -4.41 -2.73
N ALA B 69 9.99 -4.30 -2.63
CA ALA B 69 9.38 -3.83 -1.40
C ALA B 69 9.48 -4.88 -0.30
N LYS B 70 9.35 -6.16 -0.66
CA LYS B 70 9.56 -7.23 0.31
C LYS B 70 11.00 -7.27 0.79
N ALA B 71 11.96 -6.91 -0.07
CA ALA B 71 13.36 -6.90 0.34
C ALA B 71 13.65 -5.79 1.32
N GLN B 72 13.13 -4.58 1.04
CA GLN B 72 13.36 -3.45 1.93
C GLN B 72 12.62 -3.62 3.26
N THR B 73 11.46 -4.30 3.24
CA THR B 73 10.75 -4.56 4.49
C THR B 73 11.46 -5.62 5.32
N ASP B 74 11.95 -6.68 4.67
CA ASP B 74 12.72 -7.68 5.39
C ASP B 74 14.02 -7.11 5.95
N ARG B 75 14.57 -6.10 5.27
CA ARG B 75 15.78 -5.46 5.79
C ARG B 75 15.49 -4.73 7.11
N GLU B 76 14.29 -4.15 7.23
CA GLU B 76 13.92 -3.49 8.47
C GLU B 76 13.59 -4.51 9.56
N ASP B 77 12.99 -5.64 9.17
CA ASP B 77 12.64 -6.66 10.15
C ASP B 77 13.87 -7.30 10.78
N LEU B 78 14.97 -7.42 10.01
CA LEU B 78 16.19 -7.98 10.56
C LEU B 78 16.75 -7.10 11.67
N ARG B 79 16.69 -5.78 11.50
CA ARG B 79 17.10 -4.88 12.58
C ARG B 79 16.13 -4.92 13.75
N THR B 80 14.84 -5.11 13.46
CA THR B 80 13.85 -5.13 14.53
C THR B 80 13.98 -6.36 15.40
N LEU B 81 14.16 -7.53 14.77
CA LEU B 81 14.26 -8.78 15.54
C LEU B 81 15.51 -8.82 16.41
N LEU B 82 16.55 -8.06 16.07
CA LEU B 82 17.70 -7.96 16.96
C LEU B 82 17.32 -7.33 18.30
N ARG B 83 16.38 -6.40 18.29
CA ARG B 83 15.90 -5.79 19.52
C ARG B 83 14.95 -6.71 20.27
N TYR B 84 14.18 -7.54 19.55
CA TYR B 84 13.23 -8.42 20.22
C TYR B 84 13.96 -9.52 21.00
N TYR B 85 15.05 -10.04 20.45
CA TYR B 85 15.77 -11.15 21.06
C TYR B 85 17.09 -10.71 21.68
N ASN B 86 17.38 -9.41 21.71
CA ASN B 86 18.61 -8.88 22.32
C ASN B 86 19.85 -9.53 21.71
N GLN B 87 19.86 -9.66 20.39
CA GLN B 87 20.96 -10.29 19.67
C GLN B 87 21.96 -9.24 19.19
N SER B 88 23.18 -9.70 18.95
CA SER B 88 24.25 -8.80 18.52
C SER B 88 24.08 -8.44 17.04
N GLU B 89 24.55 -7.25 16.70
CA GLU B 89 24.49 -6.76 15.32
C GLU B 89 25.65 -7.26 14.47
N ALA B 90 26.58 -8.02 15.04
CA ALA B 90 27.70 -8.57 14.31
C ALA B 90 27.48 -10.01 13.87
N GLY B 91 26.30 -10.58 14.12
CA GLY B 91 25.99 -11.93 13.75
C GLY B 91 25.02 -11.96 12.57
N SER B 92 25.12 -13.01 11.77
CA SER B 92 24.26 -13.18 10.61
C SER B 92 23.00 -13.94 11.01
N HIS B 93 21.85 -13.39 10.64
CA HIS B 93 20.57 -14.00 10.95
C HIS B 93 19.75 -14.15 9.66
N THR B 94 18.85 -15.13 9.67
CA THR B 94 18.10 -15.52 8.48
C THR B 94 16.61 -15.26 8.72
N LEU B 95 15.97 -14.64 7.73
CA LEU B 95 14.53 -14.40 7.76
C LEU B 95 13.89 -15.07 6.55
N GLN B 96 12.90 -15.92 6.81
CA GLN B 96 12.26 -16.70 5.76
C GLN B 96 10.75 -16.47 5.80
N ASN B 97 10.12 -16.54 4.63
CA ASN B 97 8.69 -16.32 4.50
C ASN B 97 8.16 -17.14 3.34
N MET B 98 6.96 -17.71 3.52
CA MET B 98 6.33 -18.50 2.48
C MET B 98 4.82 -18.36 2.58
N TYR B 99 4.18 -18.07 1.46
CA TYR B 99 2.73 -17.98 1.39
C TYR B 99 2.26 -18.61 0.09
N GLY B 100 1.03 -19.12 0.11
CA GLY B 100 0.48 -19.75 -1.07
C GLY B 100 -0.92 -20.27 -0.81
N CYS B 101 -1.50 -20.84 -1.86
CA CYS B 101 -2.86 -21.38 -1.80
C CYS B 101 -2.90 -22.71 -2.53
N ASP B 102 -3.78 -23.60 -2.07
CA ASP B 102 -3.99 -24.90 -2.67
C ASP B 102 -5.40 -24.96 -3.27
N VAL B 103 -5.49 -25.51 -4.49
CA VAL B 103 -6.77 -25.74 -5.14
C VAL B 103 -6.86 -27.20 -5.53
N GLY B 104 -8.09 -27.71 -5.58
CA GLY B 104 -8.32 -29.07 -5.98
C GLY B 104 -8.66 -29.18 -7.45
N PRO B 105 -9.13 -30.34 -7.89
CA PRO B 105 -9.53 -30.49 -9.30
C PRO B 105 -10.73 -29.66 -9.67
N ASP B 106 -11.59 -29.29 -8.72
CA ASP B 106 -12.74 -28.45 -8.99
C ASP B 106 -12.37 -26.99 -9.21
N GLY B 107 -11.12 -26.61 -8.93
CA GLY B 107 -10.71 -25.23 -9.09
C GLY B 107 -11.01 -24.33 -7.90
N ARG B 108 -11.46 -24.89 -6.80
CA ARG B 108 -11.78 -24.12 -5.60
C ARG B 108 -10.66 -24.22 -4.57
N LEU B 109 -10.66 -23.28 -3.63
CA LEU B 109 -9.61 -23.21 -2.63
C LEU B 109 -9.73 -24.33 -1.62
N LEU B 110 -8.59 -24.90 -1.24
CA LEU B 110 -8.51 -25.90 -0.19
C LEU B 110 -7.89 -25.36 1.09
N ARG B 111 -6.77 -24.64 0.99
CA ARG B 111 -6.12 -24.06 2.15
C ARG B 111 -5.20 -22.93 1.71
N GLY B 112 -5.21 -21.83 2.47
CA GLY B 112 -4.29 -20.75 2.27
C GLY B 112 -3.11 -20.84 3.23
N TYR B 113 -1.99 -20.22 2.85
CA TYR B 113 -0.76 -20.32 3.61
C TYR B 113 -0.11 -18.95 3.76
N HIS B 114 0.51 -18.73 4.92
CA HIS B 114 1.38 -17.59 5.15
C HIS B 114 2.17 -17.80 6.44
N GLN B 115 3.44 -18.21 6.30
CA GLN B 115 4.28 -18.54 7.44
C GLN B 115 5.57 -17.74 7.39
N ASP B 116 6.14 -17.51 8.57
CA ASP B 116 7.39 -16.79 8.73
C ASP B 116 8.29 -17.55 9.69
N ALA B 117 9.60 -17.37 9.52
CA ALA B 117 10.58 -18.05 10.34
C ALA B 117 11.80 -17.15 10.54
N TYR B 118 12.43 -17.30 11.70
CA TYR B 118 13.62 -16.55 12.06
C TYR B 118 14.67 -17.52 12.60
N ASP B 119 15.83 -17.56 11.94
CA ASP B 119 16.94 -18.44 12.32
C ASP B 119 16.52 -19.91 12.29
N GLY B 120 15.65 -20.27 11.36
CA GLY B 120 15.28 -21.65 11.13
C GLY B 120 14.09 -22.14 11.90
N LYS B 121 13.66 -21.43 12.95
CA LYS B 121 12.51 -21.84 13.74
C LYS B 121 11.30 -20.98 13.40
N ASP B 122 10.12 -21.55 13.63
CA ASP B 122 8.88 -20.85 13.31
C ASP B 122 8.77 -19.57 14.13
N TYR B 123 8.15 -18.55 13.52
CA TYR B 123 7.96 -17.26 14.17
C TYR B 123 6.48 -16.93 14.29
N ILE B 124 5.80 -16.60 13.20
CA ILE B 124 4.37 -16.34 13.21
C ILE B 124 3.79 -16.86 11.91
N ALA B 125 2.57 -17.41 11.98
CA ALA B 125 1.92 -18.00 10.83
C ALA B 125 0.44 -17.65 10.85
N LEU B 126 -0.14 -17.55 9.66
CA LEU B 126 -1.57 -17.32 9.52
C LEU B 126 -2.32 -18.64 9.66
N ASN B 127 -3.33 -18.67 10.53
CA ASN B 127 -4.07 -19.89 10.76
C ASN B 127 -4.89 -20.28 9.54
N GLU B 128 -5.39 -21.51 9.56
CA GLU B 128 -6.10 -22.06 8.42
C GLU B 128 -7.44 -21.37 8.16
N ASP B 129 -8.00 -20.70 9.16
CA ASP B 129 -9.25 -19.99 9.00
C ASP B 129 -9.08 -18.61 8.38
N LEU B 130 -7.84 -18.21 8.07
CA LEU B 130 -7.55 -16.93 7.42
C LEU B 130 -8.04 -15.74 8.25
N SER B 131 -8.12 -15.91 9.57
CA SER B 131 -8.61 -14.85 10.44
C SER B 131 -7.88 -14.77 11.78
N SER B 132 -6.87 -15.60 12.02
CA SER B 132 -6.15 -15.58 13.29
C SER B 132 -4.70 -15.93 13.04
N TRP B 133 -3.85 -15.63 14.03
CA TRP B 133 -2.43 -15.88 13.96
C TRP B 133 -2.01 -16.84 15.06
N THR B 134 -0.81 -17.40 14.90
CA THR B 134 -0.22 -18.32 15.87
C THR B 134 1.23 -17.92 16.09
N ALA B 135 1.52 -17.30 17.22
CA ALA B 135 2.86 -16.86 17.54
C ALA B 135 3.65 -17.97 18.24
N ALA B 136 4.95 -18.01 17.97
CA ALA B 136 5.80 -19.06 18.54
C ALA B 136 6.37 -18.70 19.90
N ASP B 137 6.61 -17.42 20.17
CA ASP B 137 7.17 -17.00 21.44
C ASP B 137 6.60 -15.65 21.80
N THR B 138 7.03 -15.12 22.96
CA THR B 138 6.54 -13.82 23.40
C THR B 138 7.01 -12.71 22.48
N ALA B 139 8.17 -12.86 21.85
CA ALA B 139 8.62 -11.85 20.90
C ALA B 139 7.76 -11.84 19.65
N ALA B 140 7.28 -13.01 19.23
CA ALA B 140 6.40 -13.07 18.06
C ALA B 140 5.03 -12.49 18.35
N GLN B 141 4.62 -12.46 19.62
CA GLN B 141 3.34 -11.84 19.97
C GLN B 141 3.37 -10.33 19.82
N ILE B 142 4.56 -9.72 19.85
CA ILE B 142 4.67 -8.30 19.55
C ILE B 142 4.30 -8.02 18.10
N THR B 143 4.79 -8.85 17.18
CA THR B 143 4.40 -8.74 15.78
C THR B 143 2.92 -9.07 15.60
N GLN B 144 2.38 -9.97 16.42
CA GLN B 144 0.98 -10.36 16.29
C GLN B 144 0.05 -9.19 16.60
N ARG B 145 0.36 -8.44 17.66
CA ARG B 145 -0.51 -7.32 18.03
C ARG B 145 -0.46 -6.20 17.00
N LYS B 146 0.71 -5.97 16.40
CA LYS B 146 0.82 -4.91 15.40
C LYS B 146 0.12 -5.32 14.10
N TRP B 147 0.19 -6.60 13.73
CA TRP B 147 -0.49 -7.05 12.52
C TRP B 147 -2.00 -7.12 12.71
N GLU B 148 -2.46 -7.34 13.94
CA GLU B 148 -3.89 -7.34 14.19
C GLU B 148 -4.46 -5.93 14.24
N ALA B 149 -3.67 -4.96 14.69
CA ALA B 149 -4.14 -3.58 14.72
C ALA B 149 -4.18 -2.99 13.32
N ALA B 150 -3.23 -3.37 12.47
CA ALA B 150 -3.20 -2.89 11.08
C ALA B 150 -4.07 -3.71 10.16
N ARG B 151 -4.74 -4.76 10.67
CA ARG B 151 -5.63 -5.61 9.88
C ARG B 151 -4.89 -6.22 8.68
N VAL B 152 -3.74 -6.85 8.96
CA VAL B 152 -2.96 -7.46 7.90
C VAL B 152 -3.65 -8.71 7.37
N ALA B 153 -4.27 -9.49 8.26
CA ALA B 153 -4.97 -10.70 7.85
C ALA B 153 -6.18 -10.41 6.96
N GLU B 154 -6.72 -9.19 7.03
CA GLU B 154 -7.83 -8.83 6.15
C GLU B 154 -7.39 -8.81 4.68
N GLN B 155 -6.16 -8.39 4.42
CA GLN B 155 -5.64 -8.42 3.06
C GLN B 155 -5.25 -9.84 2.65
N LEU B 156 -4.72 -10.62 3.60
CA LEU B 156 -4.31 -11.99 3.28
C LEU B 156 -5.50 -12.86 2.92
N ARG B 157 -6.62 -12.72 3.64
CA ARG B 157 -7.79 -13.53 3.30
C ARG B 157 -8.39 -13.12 1.96
N ALA B 158 -8.27 -11.85 1.59
CA ALA B 158 -8.77 -11.42 0.28
C ALA B 158 -7.88 -11.94 -0.84
N TYR B 159 -6.57 -11.99 -0.60
CA TYR B 159 -5.65 -12.48 -1.61
C TYR B 159 -5.75 -14.00 -1.77
N LEU B 160 -5.79 -14.72 -0.65
CA LEU B 160 -5.83 -16.18 -0.72
C LEU B 160 -7.18 -16.68 -1.24
N GLU B 161 -8.27 -15.99 -0.91
CA GLU B 161 -9.57 -16.39 -1.42
C GLU B 161 -9.83 -15.92 -2.84
N GLY B 162 -9.08 -14.93 -3.32
CA GLY B 162 -9.34 -14.36 -4.62
C GLY B 162 -8.18 -14.40 -5.58
N GLU B 163 -7.21 -13.48 -5.40
CA GLU B 163 -6.17 -13.30 -6.39
C GLU B 163 -5.26 -14.51 -6.49
N CYS B 164 -5.09 -15.27 -5.41
CA CYS B 164 -4.20 -16.43 -5.46
C CYS B 164 -4.82 -17.57 -6.26
N VAL B 165 -6.11 -17.84 -6.05
CA VAL B 165 -6.74 -18.96 -6.74
C VAL B 165 -7.08 -18.59 -8.18
N GLU B 166 -7.35 -17.32 -8.46
CA GLU B 166 -7.70 -16.92 -9.82
C GLU B 166 -6.48 -16.92 -10.73
N TRP B 167 -5.35 -16.41 -10.24
CA TRP B 167 -4.12 -16.42 -11.04
C TRP B 167 -3.53 -17.81 -11.15
N LEU B 168 -3.86 -18.72 -10.23
CA LEU B 168 -3.40 -20.10 -10.36
C LEU B 168 -4.12 -20.82 -11.48
N ARG B 169 -5.42 -20.53 -11.66
CA ARG B 169 -6.17 -21.19 -12.73
C ARG B 169 -5.69 -20.74 -14.10
N ARG B 170 -5.31 -19.46 -14.23
CA ARG B 170 -4.81 -18.99 -15.53
C ARG B 170 -3.41 -19.52 -15.79
N TYR B 171 -2.63 -19.79 -14.75
CA TYR B 171 -1.32 -20.41 -14.94
C TYR B 171 -1.48 -21.87 -15.34
N LEU B 172 -2.46 -22.56 -14.75
CA LEU B 172 -2.71 -23.95 -15.13
C LEU B 172 -3.28 -24.06 -16.54
N GLU B 173 -3.97 -23.01 -17.01
CA GLU B 173 -4.48 -23.02 -18.37
C GLU B 173 -3.39 -22.67 -19.38
N ASN B 174 -2.58 -21.66 -19.07
CA ASN B 174 -1.50 -21.27 -19.98
C ASN B 174 -0.40 -22.32 -20.02
N GLY B 175 -0.23 -23.09 -18.95
CA GLY B 175 0.74 -24.17 -18.92
C GLY B 175 0.09 -25.52 -18.78
N LYS B 176 -1.01 -25.74 -19.52
CA LYS B 176 -1.74 -27.00 -19.44
C LYS B 176 -0.92 -28.18 -19.95
N GLU B 177 0.03 -27.95 -20.86
CA GLU B 177 0.81 -29.03 -21.43
C GLU B 177 1.91 -29.52 -20.51
N THR B 178 2.35 -28.70 -19.55
CA THR B 178 3.41 -29.09 -18.62
C THR B 178 2.95 -29.23 -17.19
N LEU B 179 1.99 -28.40 -16.75
CA LEU B 179 1.50 -28.47 -15.38
C LEU B 179 0.38 -29.49 -15.20
N GLN B 180 -0.47 -29.67 -16.23
CA GLN B 180 -1.59 -30.59 -16.14
C GLN B 180 -1.32 -31.92 -16.82
N ARG B 181 -0.13 -32.12 -17.38
CA ARG B 181 0.28 -33.38 -17.97
C ARG B 181 1.41 -33.96 -17.14
N ALA B 182 1.18 -35.14 -16.57
CA ALA B 182 2.17 -35.79 -15.72
C ALA B 182 3.08 -36.69 -16.55
N ASP B 183 4.36 -36.72 -16.18
CA ASP B 183 5.33 -37.55 -16.87
C ASP B 183 5.53 -38.85 -16.10
N PRO B 184 5.22 -40.01 -16.68
CA PRO B 184 5.42 -41.25 -15.96
C PRO B 184 6.89 -41.58 -15.84
N PRO B 185 7.30 -42.29 -14.79
CA PRO B 185 8.71 -42.61 -14.60
C PRO B 185 9.18 -43.72 -15.54
N LYS B 186 10.47 -43.66 -15.87
CA LYS B 186 11.14 -44.69 -16.65
C LYS B 186 11.85 -45.62 -15.66
N THR B 187 11.37 -46.86 -15.59
CA THR B 187 11.79 -47.80 -14.55
C THR B 187 12.70 -48.88 -15.12
N HIS B 188 13.69 -49.27 -14.33
CA HIS B 188 14.55 -50.41 -14.64
C HIS B 188 15.24 -50.86 -13.37
N VAL B 189 15.72 -52.11 -13.38
CA VAL B 189 16.35 -52.72 -12.21
C VAL B 189 17.76 -53.13 -12.59
N THR B 190 18.72 -52.78 -11.73
CA THR B 190 20.12 -53.13 -11.90
C THR B 190 20.56 -54.13 -10.84
N HIS B 191 21.64 -54.85 -11.16
CA HIS B 191 22.17 -55.88 -10.27
C HIS B 191 23.64 -55.57 -9.98
N HIS B 192 24.00 -55.59 -8.70
CA HIS B 192 25.35 -55.25 -8.26
C HIS B 192 25.82 -56.27 -7.22
N PRO B 193 26.70 -57.18 -7.61
CA PRO B 193 27.22 -58.16 -6.64
C PRO B 193 28.18 -57.54 -5.64
N ILE B 194 27.73 -57.33 -4.41
CA ILE B 194 28.59 -56.76 -3.38
C ILE B 194 29.67 -57.75 -2.97
N SER B 195 29.32 -59.04 -2.91
CA SER B 195 30.27 -60.09 -2.59
C SER B 195 29.93 -61.31 -3.44
N ASP B 196 30.61 -62.43 -3.16
CA ASP B 196 30.38 -63.64 -3.94
C ASP B 196 29.06 -64.31 -3.56
N HIS B 197 28.59 -64.10 -2.33
CA HIS B 197 27.36 -64.72 -1.86
C HIS B 197 26.24 -63.71 -1.62
N GLU B 198 26.50 -62.42 -1.80
CA GLU B 198 25.50 -61.39 -1.60
C GLU B 198 25.49 -60.44 -2.80
N ALA B 199 24.33 -59.86 -3.07
CA ALA B 199 24.17 -58.93 -4.18
C ALA B 199 23.18 -57.85 -3.78
N THR B 200 23.02 -56.86 -4.66
CA THR B 200 22.13 -55.73 -4.40
C THR B 200 21.30 -55.44 -5.64
N LEU B 201 19.98 -55.38 -5.47
CA LEU B 201 19.06 -55.03 -6.55
C LEU B 201 18.60 -53.59 -6.34
N ARG B 202 18.74 -52.78 -7.39
CA ARG B 202 18.41 -51.36 -7.34
C ARG B 202 17.33 -51.06 -8.36
N CYS B 203 16.18 -50.61 -7.88
CA CYS B 203 15.04 -50.27 -8.73
C CYS B 203 15.07 -48.77 -9.02
N TRP B 204 15.18 -48.42 -10.29
CA TRP B 204 15.33 -47.03 -10.70
C TRP B 204 14.00 -46.45 -11.17
N ALA B 205 13.86 -45.13 -11.00
CA ALA B 205 12.72 -44.38 -11.50
C ALA B 205 13.23 -43.00 -11.88
N LEU B 206 13.37 -42.76 -13.18
CA LEU B 206 14.00 -41.55 -13.68
C LEU B 206 13.04 -40.77 -14.58
N GLY B 207 13.20 -39.44 -14.55
CA GLY B 207 12.44 -38.58 -15.44
C GLY B 207 10.94 -38.61 -15.23
N PHE B 208 10.49 -38.36 -14.00
CA PHE B 208 9.08 -38.31 -13.69
C PHE B 208 8.73 -36.95 -13.10
N TYR B 209 7.46 -36.57 -13.26
CA TYR B 209 6.94 -35.31 -12.76
C TYR B 209 5.47 -35.53 -12.43
N PRO B 210 5.01 -35.12 -11.23
CA PRO B 210 5.78 -34.41 -10.20
C PRO B 210 6.68 -35.31 -9.38
N ALA B 211 7.28 -34.75 -8.32
CA ALA B 211 8.25 -35.48 -7.52
C ALA B 211 7.61 -36.55 -6.63
N GLU B 212 6.29 -36.54 -6.47
CA GLU B 212 5.63 -37.51 -5.62
C GLU B 212 5.68 -38.89 -6.26
N ILE B 213 6.32 -39.84 -5.58
CA ILE B 213 6.44 -41.20 -6.09
C ILE B 213 6.72 -42.11 -4.91
N THR B 214 6.35 -43.39 -5.04
CA THR B 214 6.52 -44.36 -3.97
C THR B 214 7.20 -45.60 -4.54
N LEU B 215 8.41 -45.88 -4.06
CA LEU B 215 9.17 -47.06 -4.46
C LEU B 215 9.23 -48.02 -3.28
N THR B 216 8.63 -49.20 -3.45
CA THR B 216 8.55 -50.20 -2.39
C THR B 216 8.93 -51.56 -2.95
N TRP B 217 9.91 -52.20 -2.32
CA TRP B 217 10.29 -53.56 -2.68
C TRP B 217 9.43 -54.57 -1.93
N GLN B 218 9.18 -55.71 -2.59
CA GLN B 218 8.48 -56.83 -1.98
C GLN B 218 9.22 -58.11 -2.30
N ARG B 219 9.44 -58.95 -1.28
CA ARG B 219 10.04 -60.26 -1.49
C ARG B 219 8.91 -61.29 -1.52
N ASP B 220 8.68 -61.86 -2.70
CA ASP B 220 7.63 -62.84 -2.98
C ASP B 220 6.32 -62.57 -2.25
N GLY B 221 5.91 -61.30 -2.16
CA GLY B 221 4.62 -60.94 -1.62
C GLY B 221 4.65 -60.02 -0.42
N GLU B 222 5.74 -59.96 0.34
CA GLU B 222 5.80 -59.15 1.56
C GLU B 222 6.88 -58.09 1.44
N ASP B 223 6.60 -56.91 1.99
CA ASP B 223 7.48 -55.76 1.84
C ASP B 223 8.59 -55.79 2.87
N GLN B 224 9.76 -55.30 2.46
CA GLN B 224 10.89 -55.12 3.37
C GLN B 224 11.21 -53.64 3.50
N THR B 225 10.20 -52.83 3.88
CA THR B 225 10.37 -51.38 3.92
C THR B 225 11.38 -50.93 4.97
N GLN B 226 11.63 -51.74 6.00
CA GLN B 226 12.57 -51.35 7.05
C GLN B 226 13.99 -51.33 6.53
N ASP B 227 14.40 -52.38 5.82
CA ASP B 227 15.77 -52.56 5.35
C ASP B 227 15.92 -52.29 3.86
N THR B 228 15.07 -51.43 3.30
CA THR B 228 15.18 -51.01 1.90
C THR B 228 15.81 -49.62 1.87
N GLU B 229 17.01 -49.53 1.30
CA GLU B 229 17.72 -48.26 1.23
C GLU B 229 17.08 -47.38 0.17
N LEU B 230 16.36 -46.34 0.62
CA LEU B 230 15.67 -45.42 -0.25
C LEU B 230 16.26 -44.02 -0.08
N VAL B 231 16.52 -43.35 -1.21
CA VAL B 231 17.09 -42.02 -1.20
C VAL B 231 15.99 -41.00 -1.43
N GLU B 232 16.22 -39.78 -0.98
CA GLU B 232 15.26 -38.69 -1.16
C GLU B 232 15.11 -38.37 -2.64
N THR B 233 13.89 -38.01 -3.05
CA THR B 233 13.64 -37.64 -4.43
C THR B 233 14.46 -36.41 -4.80
N ARG B 234 15.36 -36.57 -5.78
CA ARG B 234 16.28 -35.53 -6.19
C ARG B 234 15.91 -34.98 -7.56
N PRO B 235 16.13 -33.68 -7.79
CA PRO B 235 15.81 -33.10 -9.10
C PRO B 235 16.88 -33.46 -10.13
N ALA B 236 16.43 -33.86 -11.32
CA ALA B 236 17.39 -34.23 -12.36
C ALA B 236 18.01 -33.00 -13.00
N GLY B 237 17.31 -31.87 -12.97
CA GLY B 237 17.78 -30.64 -13.57
C GLY B 237 16.93 -30.13 -14.72
N ASP B 238 16.16 -31.01 -15.37
CA ASP B 238 15.31 -30.62 -16.47
C ASP B 238 13.84 -30.73 -16.06
N ARG B 239 13.51 -30.19 -14.89
CA ARG B 239 12.17 -30.19 -14.32
C ARG B 239 11.64 -31.58 -14.04
N THR B 240 12.49 -32.60 -14.14
CA THR B 240 12.15 -33.98 -13.79
C THR B 240 12.91 -34.40 -12.55
N PHE B 241 12.51 -35.52 -11.97
CA PHE B 241 13.07 -35.98 -10.70
C PHE B 241 13.51 -37.44 -10.83
N GLN B 242 14.33 -37.86 -9.86
CA GLN B 242 14.86 -39.21 -9.82
C GLN B 242 14.71 -39.78 -8.41
N LYS B 243 14.67 -41.11 -8.34
CA LYS B 243 14.56 -41.81 -7.06
C LYS B 243 14.84 -43.29 -7.29
N TRP B 244 15.51 -43.91 -6.33
CA TRP B 244 15.79 -45.34 -6.42
C TRP B 244 15.76 -45.94 -5.02
N ALA B 245 15.49 -47.25 -4.98
CA ALA B 245 15.48 -48.03 -3.75
C ALA B 245 16.27 -49.31 -3.96
N ALA B 246 17.03 -49.71 -2.94
CA ALA B 246 17.90 -50.87 -3.04
C ALA B 246 17.69 -51.80 -1.85
N VAL B 247 17.95 -53.08 -2.07
CA VAL B 247 17.85 -54.11 -1.04
C VAL B 247 19.01 -55.07 -1.17
N VAL B 248 19.51 -55.57 -0.05
CA VAL B 248 20.58 -56.55 -0.03
C VAL B 248 19.95 -57.92 -0.19
N VAL B 249 20.11 -58.52 -1.37
CA VAL B 249 19.46 -59.77 -1.73
C VAL B 249 20.51 -60.87 -1.76
N PRO B 250 20.27 -62.02 -1.14
CA PRO B 250 21.21 -63.14 -1.26
C PRO B 250 21.27 -63.64 -2.70
N SER B 251 22.47 -64.06 -3.11
CA SER B 251 22.68 -64.50 -4.48
C SER B 251 21.87 -65.77 -4.77
N GLY B 252 21.14 -65.76 -5.88
CA GLY B 252 20.32 -66.87 -6.31
C GLY B 252 18.84 -66.65 -6.13
N GLU B 253 18.43 -65.70 -5.30
CA GLU B 253 17.02 -65.42 -5.04
C GLU B 253 16.60 -64.07 -5.61
N GLU B 254 17.20 -63.66 -6.73
CA GLU B 254 16.86 -62.36 -7.32
C GLU B 254 15.44 -62.33 -7.87
N GLN B 255 14.93 -63.48 -8.30
CA GLN B 255 13.60 -63.53 -8.90
C GLN B 255 12.48 -63.64 -7.87
N ARG B 256 12.81 -63.59 -6.58
CA ARG B 256 11.81 -63.55 -5.53
C ARG B 256 11.54 -62.15 -5.00
N TYR B 257 12.18 -61.14 -5.58
CA TYR B 257 12.02 -59.75 -5.17
C TYR B 257 11.40 -58.96 -6.31
N THR B 258 10.37 -58.18 -5.99
CA THR B 258 9.66 -57.39 -6.98
C THR B 258 9.62 -55.93 -6.54
N CYS B 259 9.67 -55.03 -7.53
CA CYS B 259 9.62 -53.60 -7.30
C CYS B 259 8.26 -53.06 -7.70
N HIS B 260 7.69 -52.21 -6.85
CA HIS B 260 6.39 -51.60 -7.09
C HIS B 260 6.55 -50.09 -7.11
N VAL B 261 6.14 -49.47 -8.20
CA VAL B 261 6.26 -48.03 -8.41
C VAL B 261 4.87 -47.42 -8.46
N GLN B 262 4.67 -46.32 -7.76
CA GLN B 262 3.39 -45.61 -7.75
C GLN B 262 3.63 -44.15 -8.13
N HIS B 263 2.95 -43.71 -9.19
CA HIS B 263 3.07 -42.35 -9.66
C HIS B 263 1.75 -41.91 -10.27
N GLU B 264 1.48 -40.61 -10.22
CA GLU B 264 0.19 -40.10 -10.71
C GLU B 264 0.07 -40.25 -12.22
N GLY B 265 1.19 -40.30 -12.94
CA GLY B 265 1.15 -40.48 -14.37
C GLY B 265 0.93 -41.90 -14.83
N LEU B 266 1.05 -42.87 -13.92
CA LEU B 266 0.84 -44.27 -14.25
C LEU B 266 -0.62 -44.65 -14.05
N PRO B 267 -1.25 -45.34 -15.01
CA PRO B 267 -2.65 -45.75 -14.80
C PRO B 267 -2.81 -46.73 -13.65
N LYS B 268 -1.83 -47.61 -13.47
CA LYS B 268 -1.82 -48.57 -12.36
C LYS B 268 -0.37 -48.85 -12.00
N PRO B 269 -0.08 -49.17 -10.74
CA PRO B 269 1.32 -49.34 -10.33
C PRO B 269 2.00 -50.47 -11.10
N LEU B 270 3.25 -50.23 -11.48
CA LEU B 270 4.03 -51.19 -12.24
C LEU B 270 4.71 -52.19 -11.32
N THR B 271 4.99 -53.37 -11.86
CA THR B 271 5.71 -54.42 -11.14
C THR B 271 6.87 -54.88 -12.03
N LEU B 272 8.08 -54.77 -11.50
CA LEU B 272 9.28 -55.07 -12.28
C LEU B 272 10.26 -55.87 -11.44
N ARG B 273 10.89 -56.87 -12.07
CA ARG B 273 11.96 -57.63 -11.42
C ARG B 273 13.29 -57.38 -12.11
N TRP B 274 14.27 -58.25 -11.86
CA TRP B 274 15.62 -58.04 -12.41
C TRP B 274 15.61 -58.16 -13.93
N GLU B 275 15.13 -59.29 -14.46
CA GLU B 275 15.20 -59.62 -15.87
C GLU B 275 16.64 -59.57 -16.36
N PRO B 276 17.45 -60.60 -16.10
CA PRO B 276 18.86 -60.64 -16.45
C PRO B 276 19.09 -60.75 -17.96
N MET C 1 19.05 -20.51 17.81
CA MET C 1 19.88 -20.71 16.63
C MET C 1 20.07 -22.19 16.34
N ILE C 2 19.23 -22.74 15.48
CA ILE C 2 19.30 -24.15 15.09
C ILE C 2 20.19 -24.28 13.87
N GLN C 3 20.98 -25.35 13.83
CA GLN C 3 21.90 -25.62 12.73
C GLN C 3 21.76 -27.09 12.32
N ARG C 4 21.50 -27.32 11.04
CA ARG C 4 21.35 -28.66 10.50
C ARG C 4 22.43 -28.91 9.45
N THR C 5 22.90 -30.15 9.39
CA THR C 5 23.92 -30.57 8.43
C THR C 5 23.27 -31.00 7.11
N PRO C 6 23.90 -30.71 5.98
CA PRO C 6 23.28 -31.03 4.68
C PRO C 6 23.47 -32.49 4.28
N LYS C 7 22.46 -33.00 3.57
CA LYS C 7 22.56 -34.30 2.91
C LYS C 7 23.08 -34.10 1.50
N ILE C 8 24.03 -34.94 1.11
CA ILE C 8 24.74 -34.79 -0.16
C ILE C 8 24.40 -35.96 -1.06
N GLN C 9 24.11 -35.67 -2.33
CA GLN C 9 23.88 -36.69 -3.35
C GLN C 9 24.51 -36.23 -4.65
N VAL C 10 25.40 -37.06 -5.20
CA VAL C 10 26.05 -36.80 -6.48
C VAL C 10 25.52 -37.80 -7.49
N TYR C 11 25.08 -37.29 -8.64
CA TYR C 11 24.45 -38.14 -9.65
C TYR C 11 24.53 -37.44 -11.00
N SER C 12 24.15 -38.17 -12.04
CA SER C 12 24.12 -37.67 -13.40
C SER C 12 22.68 -37.46 -13.86
N ARG C 13 22.51 -36.49 -14.77
CA ARG C 13 21.17 -36.23 -15.30
C ARG C 13 20.66 -37.40 -16.12
N HIS C 14 21.52 -37.99 -16.94
CA HIS C 14 21.19 -39.12 -17.80
C HIS C 14 22.08 -40.31 -17.45
N PRO C 15 21.69 -41.52 -17.86
CA PRO C 15 22.56 -42.69 -17.64
C PRO C 15 23.93 -42.47 -18.24
N ALA C 16 24.96 -42.77 -17.46
CA ALA C 16 26.33 -42.47 -17.84
C ALA C 16 26.80 -43.41 -18.95
N GLU C 17 27.26 -42.83 -20.06
CA GLU C 17 27.88 -43.56 -21.15
C GLU C 17 29.17 -42.85 -21.53
N ASN C 18 30.26 -43.59 -21.60
CA ASN C 18 31.57 -43.01 -21.89
C ASN C 18 31.58 -42.37 -23.26
N GLY C 19 31.93 -41.08 -23.32
CA GLY C 19 32.02 -40.34 -24.56
C GLY C 19 30.81 -39.49 -24.89
N LYS C 20 29.74 -39.55 -24.08
CA LYS C 20 28.53 -38.80 -24.34
C LYS C 20 28.38 -37.69 -23.30
N SER C 21 28.01 -36.50 -23.76
CA SER C 21 27.86 -35.37 -22.86
C SER C 21 26.70 -35.62 -21.90
N ASN C 22 26.80 -35.03 -20.71
CA ASN C 22 25.79 -35.23 -19.69
C ASN C 22 25.84 -34.04 -18.74
N PHE C 23 25.28 -34.19 -17.54
CA PHE C 23 25.30 -33.15 -16.52
C PHE C 23 25.60 -33.78 -15.18
N LEU C 24 26.62 -33.27 -14.49
CA LEU C 24 26.99 -33.76 -13.17
C LEU C 24 26.31 -32.89 -12.12
N ASN C 25 25.40 -33.47 -11.35
CA ASN C 25 24.63 -32.75 -10.35
C ASN C 25 25.11 -33.10 -8.95
N CYS C 26 25.04 -32.12 -8.05
CA CYS C 26 25.33 -32.30 -6.63
C CYS C 26 24.21 -31.63 -5.85
N TYR C 27 23.27 -32.44 -5.37
CA TYR C 27 22.08 -31.93 -4.68
C TYR C 27 22.31 -31.98 -3.18
N VAL C 28 22.35 -30.80 -2.56
CA VAL C 28 22.46 -30.67 -1.11
C VAL C 28 21.13 -30.15 -0.57
N SER C 29 20.74 -30.65 0.60
CA SER C 29 19.45 -30.29 1.16
C SER C 29 19.49 -30.52 2.67
N GLY C 30 18.50 -29.95 3.35
CA GLY C 30 18.34 -30.15 4.78
C GLY C 30 19.32 -29.40 5.66
N PHE C 31 19.92 -28.33 5.15
CA PHE C 31 20.92 -27.57 5.90
C PHE C 31 20.36 -26.22 6.32
N HIS C 32 21.05 -25.61 7.29
CA HIS C 32 20.72 -24.29 7.82
C HIS C 32 21.89 -23.78 8.65
N PRO C 33 22.34 -22.53 8.44
CA PRO C 33 21.79 -21.54 7.52
C PRO C 33 22.15 -21.79 6.05
N SER C 34 21.84 -20.80 5.20
CA SER C 34 21.98 -20.96 3.76
C SER C 34 23.42 -20.87 3.28
N ASP C 35 24.31 -20.27 4.06
CA ASP C 35 25.71 -20.13 3.67
C ASP C 35 26.35 -21.51 3.59
N ILE C 36 26.67 -21.94 2.37
CA ILE C 36 27.26 -23.26 2.14
C ILE C 36 28.21 -23.16 0.95
N GLU C 37 29.26 -23.98 0.97
CA GLU C 37 30.26 -24.01 -0.09
C GLU C 37 30.21 -25.37 -0.77
N VAL C 38 29.89 -25.38 -2.06
CA VAL C 38 29.77 -26.62 -2.84
C VAL C 38 30.65 -26.48 -4.07
N ASP C 39 31.56 -27.43 -4.25
CA ASP C 39 32.46 -27.45 -5.41
C ASP C 39 32.44 -28.83 -6.03
N LEU C 40 32.24 -28.88 -7.34
CA LEU C 40 32.29 -30.12 -8.09
C LEU C 40 33.74 -30.45 -8.47
N LEU C 41 34.17 -31.67 -8.17
CA LEU C 41 35.55 -32.07 -8.34
C LEU C 41 35.70 -33.03 -9.51
N LYS C 42 36.85 -32.94 -10.17
CA LYS C 42 37.24 -33.87 -11.23
C LYS C 42 38.66 -34.30 -10.96
N ASN C 43 38.83 -35.57 -10.59
CA ASN C 43 40.13 -36.12 -10.19
C ASN C 43 40.74 -35.34 -9.02
N GLY C 44 39.89 -34.83 -8.14
CA GLY C 44 40.32 -34.14 -6.95
C GLY C 44 40.37 -32.62 -7.06
N GLU C 45 40.34 -32.09 -8.28
CA GLU C 45 40.47 -30.66 -8.50
C GLU C 45 39.13 -30.08 -8.95
N ARG C 46 38.91 -28.81 -8.59
CA ARG C 46 37.60 -28.18 -8.77
C ARG C 46 37.30 -27.94 -10.24
N ILE C 47 36.02 -28.05 -10.59
CA ILE C 47 35.52 -27.74 -11.92
C ILE C 47 35.00 -26.31 -11.92
N GLU C 48 35.36 -25.55 -12.95
CA GLU C 48 34.93 -24.16 -13.04
C GLU C 48 33.62 -24.05 -13.82
N LYS C 49 33.03 -22.86 -13.76
CA LYS C 49 31.74 -22.57 -14.41
C LYS C 49 30.67 -23.57 -13.99
N VAL C 50 30.53 -23.73 -12.68
CA VAL C 50 29.50 -24.59 -12.10
C VAL C 50 28.31 -23.72 -11.73
N GLU C 51 27.15 -24.02 -12.31
CA GLU C 51 25.95 -23.26 -12.03
C GLU C 51 25.15 -23.92 -10.92
N HIS C 52 24.41 -23.11 -10.17
CA HIS C 52 23.61 -23.58 -9.05
C HIS C 52 22.16 -23.14 -9.24
N SER C 53 21.26 -23.86 -8.58
CA SER C 53 19.86 -23.50 -8.60
C SER C 53 19.58 -22.36 -7.62
N ASP C 54 18.37 -21.84 -7.67
CA ASP C 54 17.98 -20.74 -6.79
C ASP C 54 17.65 -21.27 -5.39
N LEU C 55 17.94 -20.45 -4.40
CA LEU C 55 17.77 -20.86 -3.00
C LEU C 55 16.30 -21.03 -2.68
N SER C 56 15.94 -22.22 -2.21
CA SER C 56 14.60 -22.52 -1.75
C SER C 56 14.69 -23.44 -0.55
N PHE C 57 13.59 -23.53 0.21
CA PHE C 57 13.54 -24.32 1.43
C PHE C 57 12.32 -25.22 1.41
N SER C 58 12.21 -26.07 2.44
CA SER C 58 11.16 -27.06 2.56
C SER C 58 10.19 -26.66 3.68
N LYS C 59 9.35 -27.62 4.08
CA LYS C 59 8.37 -27.34 5.14
C LYS C 59 9.06 -27.07 6.47
N ASP C 60 10.18 -27.74 6.73
CA ASP C 60 10.92 -27.56 7.98
C ASP C 60 11.94 -26.43 7.89
N TRP C 61 11.76 -25.50 6.95
CA TRP C 61 12.64 -24.34 6.77
C TRP C 61 14.08 -24.73 6.44
N SER C 62 14.29 -25.93 5.90
CA SER C 62 15.61 -26.40 5.52
C SER C 62 15.83 -26.13 4.04
N PHE C 63 16.95 -25.47 3.72
CA PHE C 63 17.23 -25.08 2.35
C PHE C 63 17.69 -26.28 1.52
N TYR C 64 17.63 -26.12 0.21
CA TYR C 64 18.12 -27.12 -0.72
C TYR C 64 18.64 -26.43 -1.98
N LEU C 65 19.73 -26.95 -2.52
CA LEU C 65 20.36 -26.37 -3.71
C LEU C 65 20.77 -27.48 -4.66
N LEU C 66 20.94 -27.12 -5.93
CA LEU C 66 21.32 -28.06 -6.98
C LEU C 66 22.46 -27.43 -7.78
N TYR C 67 23.66 -27.98 -7.63
CA TYR C 67 24.83 -27.54 -8.37
C TYR C 67 25.07 -28.49 -9.54
N TYR C 68 25.06 -27.95 -10.76
CA TYR C 68 25.15 -28.75 -11.97
C TYR C 68 26.18 -28.15 -12.91
N THR C 69 26.77 -29.02 -13.73
CA THR C 69 27.71 -28.60 -14.76
C THR C 69 27.72 -29.65 -15.87
N GLU C 70 28.13 -29.23 -17.06
CA GLU C 70 28.27 -30.14 -18.19
C GLU C 70 29.60 -30.87 -18.13
N PHE C 71 29.54 -32.18 -18.41
CA PHE C 71 30.76 -32.99 -18.40
C PHE C 71 30.56 -34.20 -19.31
N THR C 72 31.66 -34.84 -19.65
CA THR C 72 31.65 -36.06 -20.45
C THR C 72 32.31 -37.18 -19.66
N PRO C 73 31.56 -38.13 -19.11
CA PRO C 73 32.18 -39.18 -18.29
C PRO C 73 33.02 -40.13 -19.13
N THR C 74 34.14 -40.55 -18.56
CA THR C 74 35.01 -41.55 -19.15
C THR C 74 35.26 -42.66 -18.14
N GLU C 75 36.01 -43.69 -18.57
CA GLU C 75 36.26 -44.82 -17.68
C GLU C 75 37.29 -44.47 -16.61
N LYS C 76 38.27 -43.65 -16.96
CA LYS C 76 39.36 -43.32 -16.04
C LYS C 76 39.05 -42.13 -15.15
N ASP C 77 38.32 -41.13 -15.65
CA ASP C 77 38.04 -39.94 -14.86
C ASP C 77 37.12 -40.25 -13.70
N GLU C 78 37.41 -39.65 -12.55
CA GLU C 78 36.60 -39.81 -11.33
C GLU C 78 36.12 -38.43 -10.89
N TYR C 79 34.84 -38.33 -10.59
CA TYR C 79 34.23 -37.08 -10.18
C TYR C 79 33.71 -37.18 -8.74
N ALA C 80 33.64 -36.03 -8.08
CA ALA C 80 33.17 -35.97 -6.69
C ALA C 80 32.64 -34.59 -6.42
N CYS C 81 31.98 -34.43 -5.26
CA CYS C 81 31.43 -33.17 -4.83
C CYS C 81 31.87 -32.90 -3.41
N ARG C 82 32.56 -31.77 -3.20
CA ARG C 82 33.02 -31.37 -1.88
C ARG C 82 32.09 -30.30 -1.33
N VAL C 83 31.61 -30.53 -0.10
CA VAL C 83 30.67 -29.62 0.56
C VAL C 83 31.25 -29.22 1.91
N ASN C 84 31.20 -27.93 2.20
CA ASN C 84 31.68 -27.39 3.46
C ASN C 84 30.59 -26.53 4.08
N HIS C 85 30.24 -26.83 5.34
CA HIS C 85 29.18 -26.12 6.04
C HIS C 85 29.64 -25.86 7.47
N VAL C 86 28.90 -24.97 8.15
CA VAL C 86 29.25 -24.62 9.52
C VAL C 86 29.08 -25.81 10.46
N THR C 87 28.14 -26.70 10.16
CA THR C 87 27.90 -27.88 10.98
C THR C 87 28.98 -28.94 10.81
N LEU C 88 29.79 -28.89 9.76
CA LEU C 88 30.82 -29.88 9.51
C LEU C 88 32.13 -29.47 10.14
N SER C 89 32.85 -30.46 10.69
CA SER C 89 34.18 -30.21 11.23
C SER C 89 35.23 -30.06 10.14
N GLN C 90 35.07 -30.78 9.04
CA GLN C 90 35.95 -30.69 7.88
C GLN C 90 35.11 -30.80 6.62
N PRO C 91 35.60 -30.31 5.49
CA PRO C 91 34.87 -30.48 4.23
C PRO C 91 34.69 -31.95 3.89
N LYS C 92 33.46 -32.31 3.53
CA LYS C 92 33.12 -33.70 3.21
C LYS C 92 33.06 -33.88 1.70
N ILE C 93 33.67 -34.96 1.23
CA ILE C 93 33.73 -35.28 -0.20
C ILE C 93 32.92 -36.55 -0.44
N VAL C 94 32.08 -36.52 -1.47
CA VAL C 94 31.27 -37.66 -1.88
C VAL C 94 31.59 -37.96 -3.34
N LYS C 95 32.22 -39.10 -3.59
CA LYS C 95 32.59 -39.47 -4.95
C LYS C 95 31.35 -39.86 -5.75
N TRP C 96 31.41 -39.61 -7.06
CA TRP C 96 30.31 -39.94 -7.94
C TRP C 96 30.33 -41.43 -8.28
N ASP C 97 29.21 -42.11 -8.02
CA ASP C 97 29.04 -43.51 -8.35
C ASP C 97 28.14 -43.63 -9.58
N ARG C 98 28.56 -44.44 -10.54
CA ARG C 98 27.81 -44.61 -11.78
C ARG C 98 26.45 -45.25 -11.56
N ASP C 99 26.28 -46.02 -10.50
CA ASP C 99 25.05 -46.76 -10.26
C ASP C 99 24.28 -46.25 -9.04
N MET C 100 24.45 -44.98 -8.69
CA MET C 100 23.74 -44.40 -7.55
C MET C 100 23.31 -42.97 -7.86
N LYS D 1 4.25 7.77 -14.16
CA LYS D 1 3.37 6.72 -14.67
C LYS D 1 2.04 6.71 -13.94
N GLN D 2 2.04 7.17 -12.70
CA GLN D 2 0.87 7.14 -11.83
C GLN D 2 0.12 8.47 -11.92
N GLU D 3 -1.18 8.39 -12.22
CA GLU D 3 -2.01 9.59 -12.35
C GLU D 3 -3.46 9.19 -12.14
N VAL D 4 -3.97 9.41 -10.93
CA VAL D 4 -5.36 9.15 -10.64
C VAL D 4 -6.21 10.24 -11.27
N THR D 5 -7.43 9.87 -11.67
CA THR D 5 -8.37 10.80 -12.30
C THR D 5 -9.78 10.52 -11.83
N GLN D 6 -10.50 11.59 -11.52
CA GLN D 6 -11.88 11.52 -11.04
C GLN D 6 -12.78 12.34 -11.97
N ILE D 7 -13.95 11.79 -12.26
CA ILE D 7 -14.93 12.42 -13.14
C ILE D 7 -16.32 12.24 -12.52
N PRO D 8 -17.16 13.27 -12.47
CA PRO D 8 -16.96 14.63 -12.99
C PRO D 8 -16.21 15.55 -12.03
N ALA D 9 -15.97 16.79 -12.46
CA ALA D 9 -15.30 17.75 -11.60
C ALA D 9 -16.21 18.23 -10.48
N ALA D 10 -17.43 18.63 -10.81
CA ALA D 10 -18.41 19.07 -9.84
C ALA D 10 -19.69 18.26 -10.01
N LEU D 11 -20.51 18.26 -8.96
CA LEU D 11 -21.77 17.52 -8.99
C LEU D 11 -22.72 18.13 -7.97
N SER D 12 -23.86 18.63 -8.44
CA SER D 12 -24.89 19.18 -7.57
C SER D 12 -26.14 18.32 -7.72
N VAL D 13 -26.59 17.74 -6.61
CA VAL D 13 -27.66 16.75 -6.63
C VAL D 13 -28.70 17.07 -5.55
N PRO D 14 -29.98 16.94 -5.84
CA PRO D 14 -31.00 17.13 -4.79
C PRO D 14 -30.87 16.07 -3.71
N GLU D 15 -31.38 16.42 -2.53
CA GLU D 15 -31.30 15.53 -1.38
C GLU D 15 -32.17 14.30 -1.59
N GLY D 16 -31.62 13.13 -1.27
CA GLY D 16 -32.34 11.88 -1.35
C GLY D 16 -31.95 10.99 -2.51
N GLU D 17 -31.28 11.54 -3.52
CA GLU D 17 -30.89 10.75 -4.69
C GLU D 17 -29.61 9.96 -4.40
N ASN D 18 -29.55 8.75 -4.94
CA ASN D 18 -28.35 7.94 -4.83
C ASN D 18 -27.28 8.45 -5.79
N LEU D 19 -26.03 8.34 -5.36
CA LEU D 19 -24.91 8.92 -6.09
C LEU D 19 -23.91 7.85 -6.50
N VAL D 20 -23.11 8.19 -7.50
CA VAL D 20 -22.05 7.32 -7.99
C VAL D 20 -20.87 8.19 -8.42
N LEU D 21 -19.75 8.03 -7.75
CA LEU D 21 -18.53 8.78 -8.04
C LEU D 21 -17.50 7.84 -8.63
N ASN D 22 -17.08 8.12 -9.86
CA ASN D 22 -16.15 7.26 -10.57
C ASN D 22 -14.72 7.68 -10.32
N CYS D 23 -13.80 6.72 -10.47
CA CYS D 23 -12.38 6.96 -10.26
C CYS D 23 -11.60 5.96 -11.09
N SER D 24 -10.59 6.46 -11.81
CA SER D 24 -9.74 5.63 -12.65
C SER D 24 -8.28 5.86 -12.27
N PHE D 25 -7.51 4.76 -12.25
CA PHE D 25 -6.11 4.80 -11.89
C PHE D 25 -5.31 3.99 -12.90
N THR D 26 -4.02 4.32 -13.00
CA THR D 26 -3.14 3.67 -13.98
C THR D 26 -2.61 2.35 -13.43
N ASP D 27 -2.17 1.49 -14.35
CA ASP D 27 -1.70 0.16 -13.98
C ASP D 27 -0.39 0.26 -13.21
N SER D 28 -0.43 -0.16 -11.95
CA SER D 28 0.75 -0.23 -11.11
C SER D 28 0.46 -1.20 -9.97
N ALA D 29 1.47 -1.44 -9.14
CA ALA D 29 1.32 -2.32 -7.98
C ALA D 29 0.64 -1.54 -6.88
N ILE D 30 -0.68 -1.42 -7.00
CA ILE D 30 -1.45 -0.70 -5.99
C ILE D 30 -1.51 -1.54 -4.72
N TYR D 31 -1.40 -0.89 -3.57
CA TYR D 31 -1.45 -1.57 -2.29
C TYR D 31 -2.79 -1.43 -1.59
N ASN D 32 -3.54 -0.36 -1.87
CA ASN D 32 -4.89 -0.16 -1.36
C ASN D 32 -5.51 1.01 -2.11
N LEU D 33 -6.79 1.25 -1.85
CA LEU D 33 -7.51 2.37 -2.44
C LEU D 33 -8.42 2.96 -1.38
N GLN D 34 -8.33 4.27 -1.18
CA GLN D 34 -9.13 4.96 -0.19
C GLN D 34 -10.00 6.03 -0.84
N TRP D 35 -11.04 6.43 -0.11
CA TRP D 35 -11.89 7.54 -0.49
C TRP D 35 -11.93 8.53 0.67
N PHE D 36 -11.42 9.73 0.45
CA PHE D 36 -11.36 10.76 1.47
C PHE D 36 -12.39 11.85 1.17
N ARG D 37 -12.87 12.48 2.23
CA ARG D 37 -13.70 13.68 2.12
C ARG D 37 -12.95 14.87 2.70
N GLN D 38 -12.99 15.99 1.99
CA GLN D 38 -12.25 17.19 2.38
C GLN D 38 -13.25 18.29 2.71
N ASP D 39 -13.28 18.69 3.98
CA ASP D 39 -14.12 19.75 4.48
C ASP D 39 -13.32 21.04 4.63
N PRO D 40 -13.96 22.21 4.53
CA PRO D 40 -13.25 23.47 4.78
C PRO D 40 -12.81 23.56 6.23
N GLY D 41 -11.53 23.83 6.45
CA GLY D 41 -10.99 23.90 7.79
C GLY D 41 -10.43 22.58 8.26
N LYS D 42 -11.30 21.59 8.44
CA LYS D 42 -10.86 20.25 8.81
C LYS D 42 -10.04 19.64 7.69
N GLY D 43 -9.07 18.80 8.05
CA GLY D 43 -8.25 18.12 7.07
C GLY D 43 -9.00 17.03 6.33
N LEU D 44 -8.31 15.95 6.00
CA LEU D 44 -8.92 14.83 5.30
C LEU D 44 -9.37 13.77 6.30
N THR D 45 -10.55 13.20 6.05
CA THR D 45 -11.12 12.16 6.89
C THR D 45 -11.39 10.93 6.03
N SER D 46 -10.83 9.79 6.43
CA SER D 46 -11.01 8.57 5.67
C SER D 46 -12.44 8.06 5.77
N LEU D 47 -12.95 7.53 4.67
CA LEU D 47 -14.29 6.95 4.62
C LEU D 47 -14.28 5.45 4.38
N LEU D 48 -13.54 4.99 3.37
CA LEU D 48 -13.43 3.57 3.06
C LEU D 48 -12.02 3.27 2.59
N LEU D 49 -11.47 2.15 3.08
CA LEU D 49 -10.14 1.68 2.68
C LEU D 49 -10.31 0.30 2.07
N ILE D 50 -10.18 0.22 0.74
CA ILE D 50 -10.28 -1.05 0.04
C ILE D 50 -8.89 -1.65 -0.07
N GLN D 51 -8.75 -2.90 0.37
CA GLN D 51 -7.47 -3.57 0.33
C GLN D 51 -7.05 -3.85 -1.12
N SER D 52 -5.82 -4.34 -1.28
CA SER D 52 -5.29 -4.57 -2.62
C SER D 52 -6.07 -5.64 -3.36
N SER D 53 -6.42 -6.73 -2.68
CA SER D 53 -7.13 -7.83 -3.32
C SER D 53 -8.65 -7.73 -3.16
N GLN D 54 -9.14 -6.85 -2.29
CA GLN D 54 -10.58 -6.69 -2.13
C GLN D 54 -11.19 -5.96 -3.31
N ARG D 55 -12.44 -6.30 -3.62
CA ARG D 55 -13.18 -5.64 -4.68
C ARG D 55 -14.34 -4.79 -4.19
N GLU D 56 -14.71 -4.90 -2.91
CA GLU D 56 -15.80 -4.10 -2.38
C GLU D 56 -15.55 -3.79 -0.90
N GLN D 57 -16.01 -2.61 -0.49
CA GLN D 57 -15.98 -2.19 0.90
C GLN D 57 -17.24 -1.38 1.17
N THR D 58 -17.85 -1.62 2.33
CA THR D 58 -19.12 -0.99 2.66
C THR D 58 -19.08 -0.48 4.10
N SER D 59 -19.80 0.60 4.35
CA SER D 59 -19.89 1.19 5.68
C SER D 59 -21.08 2.16 5.68
N GLY D 60 -22.21 1.69 6.20
CA GLY D 60 -23.41 2.50 6.23
C GLY D 60 -24.00 2.74 4.85
N ARG D 61 -24.09 4.00 4.44
CA ARG D 61 -24.62 4.36 3.14
C ARG D 61 -23.53 4.50 2.07
N LEU D 62 -22.30 4.13 2.38
CA LEU D 62 -21.19 4.21 1.44
C LEU D 62 -20.80 2.82 1.00
N ASN D 63 -20.67 2.63 -0.33
CA ASN D 63 -20.30 1.35 -0.90
C ASN D 63 -19.34 1.61 -2.06
N ALA D 64 -18.06 1.31 -1.85
CA ALA D 64 -17.04 1.54 -2.86
C ALA D 64 -16.55 0.21 -3.42
N SER D 65 -16.21 0.22 -4.71
CA SER D 65 -15.73 -0.96 -5.41
C SER D 65 -14.30 -0.74 -5.90
N LEU D 66 -13.66 -1.84 -6.29
CA LEU D 66 -12.30 -1.79 -6.79
C LEU D 66 -12.11 -2.91 -7.81
N ASP D 67 -11.65 -2.55 -9.00
CA ASP D 67 -11.38 -3.50 -10.08
C ASP D 67 -10.00 -3.18 -10.63
N LYS D 68 -8.98 -3.95 -10.20
CA LYS D 68 -7.62 -3.70 -10.65
C LYS D 68 -7.42 -4.07 -12.11
N SER D 69 -8.22 -5.00 -12.63
CA SER D 69 -8.09 -5.41 -14.03
C SER D 69 -8.43 -4.24 -14.96
N SER D 70 -9.60 -3.64 -14.77
CA SER D 70 -9.98 -2.48 -15.57
C SER D 70 -9.34 -1.19 -15.06
N GLY D 71 -8.91 -1.16 -13.81
CA GLY D 71 -8.32 0.05 -13.25
C GLY D 71 -9.33 1.14 -12.96
N ARG D 72 -10.51 0.79 -12.44
CA ARG D 72 -11.56 1.75 -12.14
C ARG D 72 -12.08 1.52 -10.74
N SER D 73 -12.59 2.59 -10.13
CA SER D 73 -13.21 2.53 -8.81
C SER D 73 -14.49 3.35 -8.83
N THR D 74 -15.41 2.98 -7.95
CA THR D 74 -16.74 3.61 -7.92
C THR D 74 -17.23 3.68 -6.48
N LEU D 75 -17.57 4.88 -6.03
CA LEU D 75 -18.13 5.11 -4.70
C LEU D 75 -19.61 5.37 -4.83
N TYR D 76 -20.42 4.54 -4.16
CA TYR D 76 -21.87 4.64 -4.20
C TYR D 76 -22.37 5.28 -2.91
N ILE D 77 -23.02 6.44 -3.02
CA ILE D 77 -23.59 7.14 -1.88
C ILE D 77 -25.11 6.98 -1.95
N ALA D 78 -25.70 6.48 -0.87
CA ALA D 78 -27.14 6.27 -0.78
C ALA D 78 -27.76 7.29 0.17
N ALA D 79 -28.95 7.76 -0.17
CA ALA D 79 -29.69 8.75 0.63
C ALA D 79 -28.81 9.97 0.92
N SER D 80 -28.57 10.73 -0.15
CA SER D 80 -27.71 11.91 -0.07
C SER D 80 -28.27 12.95 0.89
N GLN D 81 -27.58 13.15 2.02
CA GLN D 81 -27.94 14.13 3.02
C GLN D 81 -27.10 15.40 2.86
N PRO D 82 -27.59 16.54 3.32
CA PRO D 82 -26.79 17.79 3.19
C PRO D 82 -25.44 17.71 3.88
N GLY D 83 -25.30 16.87 4.91
CA GLY D 83 -24.01 16.71 5.56
C GLY D 83 -22.95 16.05 4.70
N ASP D 84 -23.36 15.29 3.68
CA ASP D 84 -22.43 14.64 2.78
C ASP D 84 -21.77 15.61 1.80
N SER D 85 -22.15 16.88 1.80
CA SER D 85 -21.62 17.84 0.85
C SER D 85 -20.17 18.17 1.21
N ALA D 86 -19.25 17.70 0.38
CA ALA D 86 -17.82 17.95 0.57
C ALA D 86 -17.11 17.56 -0.73
N THR D 87 -15.79 17.70 -0.72
CA THR D 87 -14.96 17.27 -1.85
C THR D 87 -14.46 15.85 -1.60
N TYR D 88 -14.77 14.95 -2.52
CA TYR D 88 -14.43 13.54 -2.37
C TYR D 88 -13.20 13.22 -3.22
N LEU D 89 -12.12 12.81 -2.56
CA LEU D 89 -10.85 12.50 -3.20
C LEU D 89 -10.67 10.99 -3.30
N CYS D 90 -10.15 10.56 -4.45
CA CYS D 90 -9.84 9.15 -4.69
C CYS D 90 -8.34 8.95 -4.57
N ALA D 91 -7.93 8.18 -3.57
CA ALA D 91 -6.52 7.97 -3.27
C ALA D 91 -6.14 6.50 -3.47
N VAL D 92 -4.95 6.28 -4.01
CA VAL D 92 -4.38 4.94 -4.15
C VAL D 92 -2.93 4.99 -3.72
N SER D 93 -2.47 3.89 -3.13
CA SER D 93 -1.09 3.75 -2.68
C SER D 93 -0.39 2.80 -3.66
N LEU D 94 0.38 3.38 -4.58
CA LEU D 94 1.05 2.61 -5.62
C LEU D 94 2.53 2.44 -5.29
N GLY D 95 3.09 1.34 -5.77
CA GLY D 95 4.52 1.12 -5.61
C GLY D 95 5.29 2.02 -6.55
N THR D 96 6.20 2.82 -6.00
CA THR D 96 6.96 3.79 -6.78
C THR D 96 8.45 3.58 -6.56
N GLY D 97 9.24 3.98 -7.56
CA GLY D 97 10.68 3.87 -7.45
C GLY D 97 11.11 2.41 -7.40
N ALA D 98 11.68 2.01 -6.26
CA ALA D 98 12.14 0.64 -6.07
C ALA D 98 11.99 0.31 -4.57
N GLY D 99 10.83 -0.27 -4.23
CA GLY D 99 10.55 -0.67 -2.87
C GLY D 99 9.73 0.30 -2.06
N SER D 100 9.37 1.45 -2.63
CA SER D 100 8.60 2.47 -1.93
C SER D 100 7.16 2.49 -2.43
N TYR D 101 6.27 2.98 -1.57
CA TYR D 101 4.87 3.15 -1.93
C TYR D 101 4.47 4.60 -1.68
N GLN D 102 3.71 5.17 -2.61
CA GLN D 102 3.35 6.58 -2.58
C GLN D 102 1.85 6.73 -2.78
N LEU D 103 1.21 7.44 -1.84
CA LEU D 103 -0.24 7.65 -1.90
C LEU D 103 -0.53 8.77 -2.90
N THR D 104 -1.17 8.41 -4.02
CA THR D 104 -1.48 9.36 -5.08
C THR D 104 -2.96 9.71 -5.04
N PHE D 105 -3.26 11.00 -5.06
CA PHE D 105 -4.63 11.50 -4.97
C PHE D 105 -5.13 11.95 -6.34
N GLY D 106 -6.46 11.99 -6.46
CA GLY D 106 -7.09 12.50 -7.65
C GLY D 106 -7.45 13.97 -7.53
N LYS D 107 -7.91 14.54 -8.65
CA LYS D 107 -8.28 15.94 -8.68
C LYS D 107 -9.47 16.23 -7.77
N GLY D 108 -10.33 15.25 -7.55
CA GLY D 108 -11.43 15.42 -6.61
C GLY D 108 -12.71 15.85 -7.29
N THR D 109 -13.83 15.50 -6.66
CA THR D 109 -15.16 15.86 -7.13
C THR D 109 -15.90 16.56 -5.99
N LYS D 110 -16.12 17.85 -6.13
CA LYS D 110 -16.86 18.61 -5.13
C LYS D 110 -18.34 18.31 -5.22
N LEU D 111 -18.97 18.02 -4.09
CA LEU D 111 -20.36 17.60 -4.04
C LEU D 111 -21.18 18.61 -3.25
N SER D 112 -22.40 18.86 -3.72
CA SER D 112 -23.32 19.78 -3.06
C SER D 112 -24.70 19.14 -3.04
N VAL D 113 -25.07 18.53 -1.91
CA VAL D 113 -26.37 17.89 -1.76
C VAL D 113 -27.38 18.99 -1.42
N ILE D 114 -28.11 19.46 -2.42
CA ILE D 114 -29.08 20.54 -2.23
C ILE D 114 -30.23 20.03 -1.39
N PRO D 115 -30.49 20.60 -0.23
CA PRO D 115 -31.64 20.18 0.58
C PRO D 115 -32.94 20.75 0.06
N TYR D 116 -34.03 20.05 0.38
CA TYR D 116 -35.35 20.52 0.00
C TYR D 116 -35.65 21.87 0.62
N ILE D 117 -36.10 22.82 -0.19
CA ILE D 117 -36.56 24.10 0.31
C ILE D 117 -37.99 23.91 0.81
N GLN D 118 -38.17 23.94 2.14
CA GLN D 118 -39.47 23.66 2.73
C GLN D 118 -40.53 24.63 2.22
N ASN D 119 -40.24 25.92 2.30
CA ASN D 119 -41.18 26.96 1.89
C ASN D 119 -40.46 28.00 1.05
N PRO D 120 -40.61 27.97 -0.28
CA PRO D 120 -40.08 29.05 -1.11
C PRO D 120 -40.77 30.37 -0.81
N ASP D 121 -40.13 31.21 0.01
CA ASP D 121 -40.69 32.47 0.47
C ASP D 121 -39.79 33.62 0.03
N PRO D 122 -39.71 33.89 -1.26
CA PRO D 122 -38.74 34.90 -1.75
C PRO D 122 -39.08 36.29 -1.23
N ALA D 123 -38.08 36.94 -0.66
CA ALA D 123 -38.26 38.27 -0.11
C ALA D 123 -36.91 38.97 -0.05
N VAL D 124 -36.94 40.29 -0.24
CA VAL D 124 -35.74 41.13 -0.23
C VAL D 124 -35.88 42.16 0.87
N TYR D 125 -35.00 42.12 1.85
CA TYR D 125 -35.05 43.01 3.00
C TYR D 125 -33.84 43.94 2.99
N GLN D 126 -34.04 45.15 3.49
CA GLN D 126 -32.98 46.16 3.61
C GLN D 126 -32.59 46.27 5.08
N LEU D 127 -31.44 45.70 5.43
CA LEU D 127 -30.96 45.78 6.79
C LEU D 127 -30.19 47.09 7.01
N ARG D 128 -30.14 47.51 8.26
CA ARG D 128 -29.52 48.77 8.65
C ARG D 128 -28.19 48.51 9.35
N ASP D 129 -27.20 49.34 9.05
CA ASP D 129 -25.88 49.18 9.65
C ASP D 129 -25.90 49.58 11.12
N SER D 130 -25.27 48.76 11.95
CA SER D 130 -25.16 49.07 13.37
C SER D 130 -24.03 50.07 13.61
N LYS D 131 -24.22 50.91 14.63
CA LYS D 131 -23.27 51.96 14.98
C LYS D 131 -23.01 52.91 13.81
N SER D 132 -24.02 53.14 12.99
CA SER D 132 -23.87 54.01 11.83
C SER D 132 -25.20 54.69 11.47
N VAL D 137 -27.20 47.35 2.90
CA VAL D 137 -27.14 45.93 2.56
C VAL D 137 -28.53 45.41 2.18
N CYS D 138 -28.58 44.55 1.17
CA CYS D 138 -29.82 43.96 0.69
C CYS D 138 -29.71 42.45 0.76
N LEU D 139 -30.78 41.82 1.25
CA LEU D 139 -30.77 40.41 1.60
C LEU D 139 -31.85 39.69 0.80
N PHE D 140 -31.41 38.88 -0.17
CA PHE D 140 -32.30 38.05 -0.98
C PHE D 140 -32.30 36.66 -0.35
N THR D 141 -33.42 36.29 0.26
CA THR D 141 -33.51 35.05 1.02
C THR D 141 -34.71 34.22 0.59
N ASP D 142 -34.63 32.93 0.93
CA ASP D 142 -35.73 31.97 0.72
C ASP D 142 -36.12 31.85 -0.75
N PHE D 143 -35.16 32.02 -1.65
CA PHE D 143 -35.36 31.74 -3.06
C PHE D 143 -35.03 30.28 -3.31
N ASP D 144 -36.00 29.53 -3.84
CA ASP D 144 -35.77 28.10 -4.10
C ASP D 144 -34.66 27.93 -5.13
N SER D 145 -33.95 26.81 -5.02
CA SER D 145 -32.77 26.55 -5.84
C SER D 145 -33.21 26.01 -7.21
N GLN D 146 -33.80 26.90 -8.00
CA GLN D 146 -34.24 26.59 -9.35
C GLN D 146 -33.81 27.74 -10.26
N THR D 147 -34.26 27.68 -11.52
CA THR D 147 -33.96 28.71 -12.51
C THR D 147 -32.46 28.95 -12.66
N SER D 155 -21.26 46.04 -11.75
CA SER D 155 -19.91 46.58 -11.66
C SER D 155 -19.66 47.21 -10.28
N ASP D 156 -20.51 48.15 -9.90
CA ASP D 156 -20.42 48.81 -8.60
C ASP D 156 -21.22 48.10 -7.52
N VAL D 157 -22.04 47.12 -7.88
CA VAL D 157 -22.84 46.35 -6.93
C VAL D 157 -22.29 44.94 -6.87
N TYR D 158 -22.00 44.47 -5.67
CA TYR D 158 -21.41 43.15 -5.44
C TYR D 158 -22.46 42.24 -4.81
N ILE D 159 -22.71 41.09 -5.43
CA ILE D 159 -23.72 40.14 -4.98
C ILE D 159 -23.02 38.84 -4.59
N THR D 160 -23.36 38.32 -3.43
CA THR D 160 -22.83 37.05 -2.97
C THR D 160 -23.68 35.90 -3.51
N ASP D 161 -23.08 34.72 -3.57
CA ASP D 161 -23.80 33.53 -3.97
C ASP D 161 -24.71 33.05 -2.84
N LYS D 162 -25.68 32.22 -3.20
CA LYS D 162 -26.62 31.71 -2.21
C LYS D 162 -25.92 30.77 -1.23
N CYS D 163 -26.42 30.74 0.00
CA CYS D 163 -25.81 29.99 1.09
C CYS D 163 -26.88 29.15 1.76
N VAL D 164 -26.91 27.85 1.44
CA VAL D 164 -27.79 26.92 2.13
C VAL D 164 -27.01 25.90 2.96
N LEU D 165 -25.78 25.56 2.57
CA LEU D 165 -24.94 24.64 3.32
C LEU D 165 -23.72 25.39 3.83
N ASP D 166 -23.33 25.12 5.07
CA ASP D 166 -22.20 25.80 5.67
C ASP D 166 -21.02 24.85 5.86
N LYS D 173 -31.72 25.69 8.00
CA LYS D 173 -30.95 26.39 6.97
C LYS D 173 -31.83 26.82 5.80
N SER D 174 -31.64 28.06 5.35
CA SER D 174 -32.38 28.64 4.25
C SER D 174 -31.41 29.30 3.27
N ASN D 175 -31.96 29.92 2.24
CA ASN D 175 -31.18 30.65 1.26
C ASN D 175 -30.89 32.05 1.77
N SER D 176 -29.83 32.64 1.22
CA SER D 176 -29.39 33.97 1.63
C SER D 176 -28.41 34.52 0.60
N ALA D 177 -28.74 35.67 0.03
CA ALA D 177 -27.87 36.36 -0.91
C ALA D 177 -27.73 37.80 -0.45
N VAL D 178 -26.51 38.31 -0.45
CA VAL D 178 -26.18 39.63 0.08
C VAL D 178 -25.65 40.50 -1.06
N ALA D 179 -26.19 41.71 -1.17
CA ALA D 179 -25.76 42.69 -2.16
C ALA D 179 -25.57 44.05 -1.50
N TRP D 180 -24.43 44.69 -1.77
CA TRP D 180 -24.13 45.99 -1.20
C TRP D 180 -23.36 46.82 -2.23
N SER D 181 -23.37 48.13 -2.02
CA SER D 181 -22.69 49.05 -2.92
C SER D 181 -22.46 50.37 -2.20
N ASN D 182 -21.29 50.98 -2.43
CA ASN D 182 -20.96 52.28 -1.86
C ASN D 182 -21.37 53.40 -2.82
N LYS D 183 -22.66 53.41 -3.15
CA LYS D 183 -23.21 54.31 -4.15
C LYS D 183 -24.49 54.93 -3.62
N SER D 184 -24.65 56.23 -3.85
CA SER D 184 -25.84 56.94 -3.40
C SER D 184 -27.06 56.69 -4.27
N ASP D 185 -26.85 56.20 -5.49
CA ASP D 185 -27.95 55.88 -6.40
C ASP D 185 -28.47 54.46 -6.22
N PHE D 186 -27.76 53.61 -5.50
CA PHE D 186 -28.13 52.20 -5.39
C PHE D 186 -29.45 52.05 -4.62
N ALA D 187 -30.38 51.33 -5.24
CA ALA D 187 -31.70 51.09 -4.66
C ALA D 187 -31.80 49.62 -4.26
N CYS D 188 -32.27 49.38 -3.03
CA CYS D 188 -32.35 48.02 -2.52
C CYS D 188 -33.42 47.20 -3.24
N ALA D 189 -34.43 47.86 -3.82
CA ALA D 189 -35.55 47.13 -4.39
C ALA D 189 -35.17 46.50 -5.73
N ASN D 190 -34.41 47.22 -6.55
CA ASN D 190 -34.05 46.74 -7.88
C ASN D 190 -32.53 46.52 -7.92
N ALA D 191 -32.13 45.29 -7.57
CA ALA D 191 -30.73 44.90 -7.70
C ALA D 191 -30.36 44.83 -9.17
N PHE D 192 -30.83 43.78 -9.85
CA PHE D 192 -30.66 43.65 -11.29
C PHE D 192 -31.89 42.94 -11.85
N ASN D 193 -31.96 42.89 -13.19
CA ASN D 193 -33.08 42.22 -13.83
C ASN D 193 -32.93 40.71 -13.83
N ASN D 194 -31.71 40.21 -13.87
CA ASN D 194 -31.45 38.77 -13.85
C ASN D 194 -31.41 38.25 -12.42
N PHE D 202 -41.22 38.61 -2.41
CA PHE D 202 -41.96 39.60 -1.64
C PHE D 202 -41.12 40.84 -1.37
N PHE D 203 -41.45 41.93 -2.06
CA PHE D 203 -40.75 43.19 -1.90
C PHE D 203 -41.58 44.15 -1.07
N PRO D 204 -41.31 44.28 0.24
CA PRO D 204 -42.10 45.21 1.06
C PRO D 204 -41.73 46.65 0.77
N SER D 205 -42.74 47.48 0.58
CA SER D 205 -42.53 48.89 0.28
C SER D 205 -41.98 49.64 1.50
N GLY E 1 -5.45 14.06 16.02
CA GLY E 1 -4.18 13.90 16.72
C GLY E 1 -3.04 14.64 16.06
N VAL E 2 -3.04 14.66 14.72
CA VAL E 2 -1.98 15.33 13.97
C VAL E 2 -2.18 16.84 14.04
N THR E 3 -1.14 17.55 14.44
CA THR E 3 -1.16 18.99 14.55
C THR E 3 -0.07 19.59 13.68
N GLN E 4 -0.36 20.76 13.12
CA GLN E 4 0.59 21.48 12.28
C GLN E 4 0.75 22.90 12.80
N THR E 5 1.92 23.48 12.50
CA THR E 5 2.27 24.82 12.95
C THR E 5 3.21 25.46 11.95
N PRO E 6 2.93 26.67 11.47
CA PRO E 6 1.73 27.45 11.82
C PRO E 6 0.51 27.08 10.98
N LYS E 7 -0.61 27.76 11.21
CA LYS E 7 -1.82 27.49 10.45
C LYS E 7 -1.84 28.25 9.13
N HIS E 8 -1.46 29.52 9.13
CA HIS E 8 -1.42 30.33 7.94
C HIS E 8 -0.06 31.02 7.83
N LEU E 9 0.32 31.34 6.59
CA LEU E 9 1.60 31.99 6.34
C LEU E 9 1.47 32.88 5.13
N ILE E 10 1.73 34.17 5.31
CA ILE E 10 1.76 35.15 4.22
C ILE E 10 3.17 35.73 4.18
N THR E 11 3.84 35.59 3.06
CA THR E 11 5.22 36.04 2.93
C THR E 11 5.46 36.52 1.50
N ALA E 12 6.68 36.97 1.24
CA ALA E 12 7.06 37.52 -0.05
C ALA E 12 7.94 36.53 -0.82
N THR E 13 8.19 36.87 -2.07
CA THR E 13 8.99 36.00 -2.95
C THR E 13 10.45 36.00 -2.51
N GLY E 14 11.05 34.81 -2.48
CA GLY E 14 12.42 34.65 -2.11
C GLY E 14 12.68 34.45 -0.63
N GLN E 15 11.64 34.43 0.19
CA GLN E 15 11.80 34.27 1.63
C GLN E 15 11.90 32.78 1.97
N ARG E 16 11.94 32.48 3.28
CA ARG E 16 11.99 31.11 3.76
C ARG E 16 10.98 30.94 4.88
N VAL E 17 10.31 29.79 4.89
CA VAL E 17 9.30 29.48 5.90
C VAL E 17 9.62 28.10 6.48
N THR E 18 9.10 27.87 7.69
CA THR E 18 9.30 26.62 8.41
C THR E 18 7.93 26.07 8.80
N LEU E 19 7.64 24.85 8.36
CA LEU E 19 6.38 24.18 8.65
C LEU E 19 6.64 23.04 9.63
N ARG E 20 6.04 23.13 10.81
CA ARG E 20 6.18 22.11 11.84
C ARG E 20 4.97 21.19 11.86
N CYS E 21 5.19 19.95 12.29
CA CYS E 21 4.13 18.96 12.37
C CYS E 21 4.41 18.01 13.51
N SER E 22 3.39 17.77 14.34
CA SER E 22 3.51 16.83 15.44
C SER E 22 2.58 15.65 15.19
N PRO E 23 3.10 14.46 14.90
CA PRO E 23 2.22 13.32 14.60
C PRO E 23 1.56 12.77 15.84
N ARG E 24 0.77 11.70 15.67
CA ARG E 24 0.18 11.03 16.82
C ARG E 24 1.26 10.33 17.63
N SER E 25 0.96 10.11 18.91
CA SER E 25 1.95 9.53 19.82
C SER E 25 2.36 8.13 19.38
N GLY E 26 1.42 7.33 18.87
CA GLY E 26 1.75 6.00 18.42
C GLY E 26 2.24 5.89 17.00
N ASP E 27 2.31 7.00 16.27
CA ASP E 27 2.72 6.99 14.87
C ASP E 27 4.23 7.19 14.76
N LEU E 28 4.87 6.37 13.93
CA LEU E 28 6.31 6.45 13.69
C LEU E 28 6.66 6.97 12.31
N SER E 29 5.69 7.14 11.42
CA SER E 29 5.91 7.62 10.06
C SER E 29 5.22 8.96 9.86
N VAL E 30 5.87 9.86 9.13
CA VAL E 30 5.35 11.18 8.85
C VAL E 30 5.33 11.40 7.35
N TYR E 31 4.25 11.99 6.86
CA TYR E 31 4.06 12.26 5.44
C TYR E 31 3.83 13.74 5.22
N TRP E 32 4.34 14.27 4.11
CA TRP E 32 4.16 15.67 3.73
C TRP E 32 3.53 15.74 2.35
N TYR E 33 2.44 16.51 2.24
CA TYR E 33 1.71 16.66 1.00
C TYR E 33 1.51 18.14 0.69
N GLN E 34 1.33 18.44 -0.59
CA GLN E 34 1.08 19.79 -1.06
C GLN E 34 -0.13 19.76 -1.97
N GLN E 35 -1.15 20.55 -1.65
CA GLN E 35 -2.39 20.60 -2.43
C GLN E 35 -2.47 21.95 -3.14
N SER E 36 -2.16 21.95 -4.44
CA SER E 36 -2.30 23.12 -5.29
C SER E 36 -3.47 22.94 -6.23
N LEU E 37 -3.91 24.04 -6.83
CA LEU E 37 -5.07 23.98 -7.72
C LEU E 37 -4.75 23.29 -9.03
N ASP E 38 -3.53 23.43 -9.53
CA ASP E 38 -3.18 22.88 -10.83
C ASP E 38 -2.83 21.40 -10.78
N GLN E 39 -2.40 20.88 -9.63
CA GLN E 39 -1.99 19.50 -9.52
C GLN E 39 -2.68 18.73 -8.41
N GLY E 40 -3.53 19.36 -7.62
CA GLY E 40 -4.19 18.66 -6.53
C GLY E 40 -3.20 18.29 -5.43
N LEU E 41 -3.56 17.25 -4.69
CA LEU E 41 -2.71 16.75 -3.61
C LEU E 41 -1.53 15.98 -4.21
N GLN E 42 -0.32 16.46 -3.97
CA GLN E 42 0.90 15.84 -4.47
C GLN E 42 1.79 15.45 -3.30
N PHE E 43 2.34 14.24 -3.36
CA PHE E 43 3.21 13.73 -2.31
C PHE E 43 4.59 14.37 -2.41
N LEU E 44 5.12 14.82 -1.27
CA LEU E 44 6.42 15.46 -1.24
C LEU E 44 7.51 14.51 -0.75
N ILE E 45 7.45 14.13 0.53
CA ILE E 45 8.47 13.28 1.13
C ILE E 45 7.85 12.55 2.32
N GLN E 46 8.42 11.40 2.66
CA GLN E 46 7.97 10.59 3.78
C GLN E 46 9.15 10.23 4.67
N TYR E 47 8.96 10.37 5.98
CA TYR E 47 9.97 9.99 6.96
C TYR E 47 9.41 8.91 7.88
N TYR E 48 10.26 7.93 8.21
CA TYR E 48 9.88 6.81 9.06
C TYR E 48 10.94 6.60 10.13
N ASN E 49 10.59 6.89 11.38
CA ASN E 49 11.47 6.65 12.53
C ASN E 49 12.78 7.41 12.39
N GLY E 50 12.71 8.65 11.91
CA GLY E 50 13.86 9.52 11.82
C GLY E 50 14.59 9.51 10.50
N GLU E 51 14.38 8.50 9.67
CA GLU E 51 15.06 8.40 8.38
C GLU E 51 14.07 8.58 7.25
N GLU E 52 14.58 9.04 6.10
CA GLU E 52 13.74 9.21 4.92
C GLU E 52 13.38 7.85 4.33
N ARG E 53 12.10 7.65 4.06
CA ARG E 53 11.60 6.40 3.49
C ARG E 53 11.27 6.54 2.01
N ALA E 54 10.32 7.41 1.67
CA ALA E 54 9.92 7.63 0.28
C ALA E 54 10.09 9.11 -0.06
N LYS E 55 10.27 9.38 -1.35
CA LYS E 55 10.47 10.74 -1.83
C LYS E 55 9.85 10.88 -3.21
N GLY E 56 9.01 11.89 -3.37
CA GLY E 56 8.40 12.20 -4.66
C GLY E 56 9.26 13.14 -5.47
N ASN E 57 8.60 13.98 -6.27
CA ASN E 57 9.30 14.97 -7.07
C ASN E 57 9.42 16.29 -6.30
N ILE E 58 10.09 16.20 -5.15
CA ILE E 58 10.31 17.35 -4.29
C ILE E 58 11.52 18.12 -4.79
N LEU E 59 11.42 19.45 -4.78
CA LEU E 59 12.50 20.29 -5.28
C LEU E 59 13.67 20.30 -4.32
N GLU E 60 14.84 20.72 -4.83
CA GLU E 60 16.03 20.77 -4.00
C GLU E 60 15.93 21.86 -2.94
N ARG E 61 15.20 22.94 -3.24
CA ARG E 61 15.03 24.04 -2.29
C ARG E 61 13.99 23.74 -1.21
N PHE E 62 13.46 22.52 -1.16
CA PHE E 62 12.56 22.08 -0.09
C PHE E 62 13.31 21.11 0.80
N SER E 63 13.53 21.50 2.05
CA SER E 63 14.29 20.70 3.01
C SER E 63 13.38 20.22 4.13
N ALA E 64 13.52 18.94 4.49
CA ALA E 64 12.74 18.35 5.56
C ALA E 64 13.62 17.43 6.39
N GLN E 65 13.12 17.08 7.57
CA GLN E 65 13.85 16.25 8.51
C GLN E 65 12.90 15.80 9.62
N GLN E 66 13.08 14.57 10.09
CA GLN E 66 12.34 14.04 11.22
C GLN E 66 13.28 13.91 12.41
N PHE E 67 12.88 14.45 13.55
CA PHE E 67 13.69 14.49 14.75
C PHE E 67 13.41 13.28 15.63
N PRO E 68 14.30 12.96 16.57
CA PRO E 68 14.11 11.76 17.40
C PRO E 68 12.82 11.73 18.19
N ASP E 69 12.19 12.88 18.44
CA ASP E 69 10.88 12.90 19.07
C ASP E 69 9.75 12.68 18.07
N LEU E 70 10.07 12.22 16.86
CA LEU E 70 9.15 11.84 15.80
C LEU E 70 8.43 13.01 15.15
N HIS E 71 8.62 14.24 15.62
CA HIS E 71 8.02 15.39 14.97
C HIS E 71 8.88 15.83 13.78
N SER E 72 8.23 16.37 12.76
CA SER E 72 8.89 16.71 11.51
C SER E 72 8.84 18.21 11.27
N GLU E 73 9.79 18.68 10.46
CA GLU E 73 9.84 20.07 10.03
C GLU E 73 10.09 20.10 8.53
N LEU E 74 9.63 21.19 7.90
CA LEU E 74 9.75 21.33 6.44
C LEU E 74 10.08 22.78 6.13
N ASN E 75 11.29 23.03 5.62
CA ASN E 75 11.74 24.36 5.28
C ASN E 75 11.60 24.57 3.77
N LEU E 76 10.83 25.57 3.39
CA LEU E 76 10.63 25.93 1.98
C LEU E 76 11.41 27.21 1.71
N SER E 77 12.52 27.10 1.00
CA SER E 77 13.41 28.22 0.74
C SER E 77 13.24 28.74 -0.68
N SER E 78 13.54 30.02 -0.86
CA SER E 78 13.43 30.70 -2.15
C SER E 78 12.02 30.53 -2.73
N LEU E 79 11.05 31.00 -1.95
CA LEU E 79 9.65 30.81 -2.31
C LEU E 79 9.29 31.56 -3.59
N GLU E 80 8.43 30.96 -4.39
CA GLU E 80 7.94 31.55 -5.62
C GLU E 80 6.42 31.67 -5.57
N LEU E 81 5.84 32.28 -6.60
CA LEU E 81 4.40 32.43 -6.66
C LEU E 81 3.70 31.07 -6.72
N GLY E 82 4.27 30.13 -7.48
CA GLY E 82 3.67 28.82 -7.64
C GLY E 82 3.62 28.00 -6.37
N ASP E 83 4.47 28.33 -5.38
CA ASP E 83 4.47 27.59 -4.13
C ASP E 83 3.27 27.90 -3.25
N SER E 84 2.44 28.88 -3.63
CA SER E 84 1.23 29.20 -2.87
C SER E 84 0.23 28.07 -3.00
N ALA E 85 0.08 27.28 -1.94
CA ALA E 85 -0.82 26.13 -1.94
C ALA E 85 -1.09 25.74 -0.50
N LEU E 86 -1.80 24.62 -0.32
CA LEU E 86 -2.08 24.07 1.00
C LEU E 86 -1.12 22.91 1.26
N TYR E 87 -0.46 22.94 2.41
CA TYR E 87 0.53 21.93 2.79
C TYR E 87 -0.03 21.11 3.94
N PHE E 88 -0.32 19.84 3.67
CA PHE E 88 -0.86 18.92 4.66
C PHE E 88 0.24 18.04 5.23
N CYS E 89 0.00 17.54 6.44
CA CYS E 89 0.89 16.62 7.12
C CYS E 89 0.08 15.40 7.55
N ALA E 90 0.58 14.21 7.23
CA ALA E 90 -0.08 12.96 7.57
C ALA E 90 0.87 12.08 8.37
N SER E 91 0.29 11.15 9.12
CA SER E 91 1.07 10.22 9.92
C SER E 91 0.35 8.88 9.97
N SER E 92 1.13 7.81 10.07
CA SER E 92 0.61 6.46 10.20
C SER E 92 1.40 5.72 11.26
N VAL E 93 0.80 4.63 11.77
CA VAL E 93 1.44 3.85 12.82
C VAL E 93 2.79 3.32 12.35
N GLY E 94 2.88 2.92 11.09
CA GLY E 94 4.13 2.44 10.54
C GLY E 94 4.13 2.40 9.03
N LEU E 95 4.68 1.33 8.45
CA LEU E 95 4.74 1.15 7.01
C LEU E 95 3.75 0.10 6.52
N TYR E 96 2.62 -0.03 7.22
CA TYR E 96 1.65 -1.07 6.89
C TYR E 96 0.78 -0.65 5.71
N SER E 97 0.74 -1.48 4.68
CA SER E 97 -0.08 -1.22 3.51
C SER E 97 -1.55 -1.49 3.74
N THR E 98 -1.91 -2.13 4.86
CA THR E 98 -3.30 -2.37 5.20
C THR E 98 -3.84 -1.33 6.18
N ASP E 99 -3.04 -0.35 6.57
CA ASP E 99 -3.44 0.71 7.49
C ASP E 99 -3.59 2.01 6.72
N THR E 100 -4.21 2.99 7.38
CA THR E 100 -4.50 4.28 6.77
C THR E 100 -3.58 5.35 7.34
N GLN E 101 -3.56 6.50 6.66
CA GLN E 101 -2.86 7.68 7.12
C GLN E 101 -3.85 8.66 7.72
N TYR E 102 -3.38 9.48 8.65
CA TYR E 102 -4.20 10.46 9.35
C TYR E 102 -3.65 11.85 9.06
N PHE E 103 -4.43 12.66 8.35
CA PHE E 103 -4.00 13.99 7.95
C PHE E 103 -4.32 15.02 9.03
N GLY E 104 -3.58 16.12 8.99
CA GLY E 104 -3.80 17.22 9.90
C GLY E 104 -4.68 18.28 9.28
N PRO E 105 -4.87 19.40 9.97
CA PRO E 105 -5.72 20.47 9.43
C PRO E 105 -5.12 21.15 8.20
N GLY E 106 -3.79 21.24 8.13
CA GLY E 106 -3.15 21.82 6.96
C GLY E 106 -2.69 23.25 7.15
N THR E 107 -1.55 23.59 6.57
CA THR E 107 -1.01 24.94 6.62
C THR E 107 -1.16 25.59 5.25
N ARG E 108 -1.78 26.76 5.22
CA ARG E 108 -2.03 27.50 3.98
C ARG E 108 -0.93 28.55 3.80
N LEU E 109 -0.20 28.46 2.70
CA LEU E 109 0.90 29.36 2.40
C LEU E 109 0.54 30.23 1.20
N THR E 110 0.81 31.54 1.31
CA THR E 110 0.58 32.48 0.22
C THR E 110 1.84 33.32 0.05
N VAL E 111 2.40 33.29 -1.15
CA VAL E 111 3.61 34.03 -1.48
C VAL E 111 3.25 35.14 -2.47
N LEU E 112 3.67 36.36 -2.15
CA LEU E 112 3.35 37.53 -2.95
C LEU E 112 4.62 38.14 -3.52
N GLU E 113 4.43 39.02 -4.51
CA GLU E 113 5.56 39.78 -5.06
C GLU E 113 6.01 40.85 -4.08
N ASP E 114 5.07 41.65 -3.57
CA ASP E 114 5.35 42.66 -2.57
C ASP E 114 4.21 42.68 -1.56
N LEU E 115 4.54 43.10 -0.34
CA LEU E 115 3.57 43.17 0.75
C LEU E 115 2.87 44.52 0.81
N LYS E 116 2.92 45.31 -0.26
CA LYS E 116 2.29 46.63 -0.24
C LYS E 116 0.78 46.52 -0.33
N ASN E 117 0.26 45.51 -1.03
CA ASN E 117 -1.17 45.37 -1.26
C ASN E 117 -1.86 44.51 -0.20
N VAL E 118 -1.18 44.24 0.92
CA VAL E 118 -1.79 43.49 2.01
C VAL E 118 -2.62 44.45 2.86
N PHE E 119 -3.90 44.13 3.06
CA PHE E 119 -4.80 45.01 3.78
C PHE E 119 -5.63 44.22 4.78
N PRO E 120 -5.86 44.78 5.96
CA PRO E 120 -6.76 44.15 6.93
C PRO E 120 -8.21 44.42 6.58
N PRO E 121 -9.13 43.60 7.06
CA PRO E 121 -10.54 43.76 6.68
C PRO E 121 -11.24 44.88 7.45
N GLU E 122 -12.35 45.33 6.89
CA GLU E 122 -13.24 46.31 7.51
C GLU E 122 -14.59 45.65 7.72
N VAL E 123 -15.02 45.57 8.98
CA VAL E 123 -16.20 44.80 9.35
C VAL E 123 -17.31 45.75 9.83
N ALA E 124 -18.55 45.30 9.68
CA ALA E 124 -19.71 46.06 10.12
C ALA E 124 -20.90 45.12 10.19
N VAL E 125 -21.60 45.12 11.32
CA VAL E 125 -22.78 44.29 11.52
C VAL E 125 -24.03 45.08 11.12
N PHE E 126 -24.97 44.39 10.48
CA PHE E 126 -26.20 45.03 10.00
C PHE E 126 -27.38 44.41 10.73
N GLU E 127 -28.21 45.27 11.34
CA GLU E 127 -29.32 44.78 12.14
C GLU E 127 -30.46 44.31 11.24
N PRO E 128 -31.23 43.32 11.69
CA PRO E 128 -32.32 42.78 10.84
C PRO E 128 -33.36 43.82 10.51
N SER E 129 -34.19 43.49 9.52
CA SER E 129 -35.27 44.36 9.09
C SER E 129 -36.56 44.01 9.82
N GLU E 130 -37.36 45.04 10.09
CA GLU E 130 -38.64 44.82 10.77
C GLU E 130 -39.67 44.12 9.89
N ALA E 131 -39.47 44.15 8.56
CA ALA E 131 -40.39 43.43 7.68
C ALA E 131 -40.17 41.92 7.77
N GLU E 132 -38.97 41.49 8.11
CA GLU E 132 -38.67 40.06 8.20
C GLU E 132 -39.23 39.45 9.49
N ILE E 133 -39.16 40.19 10.60
CA ILE E 133 -39.60 39.63 11.87
C ILE E 133 -41.12 39.43 11.88
N SER E 134 -41.86 40.20 11.08
CA SER E 134 -43.30 40.06 11.00
C SER E 134 -43.73 39.10 9.89
N HIS E 135 -42.81 38.69 9.02
CA HIS E 135 -43.14 37.81 7.91
C HIS E 135 -42.62 36.39 8.09
N THR E 136 -41.52 36.21 8.83
CA THR E 136 -40.93 34.90 9.03
C THR E 136 -40.69 34.54 10.49
N GLN E 137 -41.11 35.40 11.43
CA GLN E 137 -40.87 35.24 12.88
C GLN E 137 -39.43 34.83 13.20
N LYS E 138 -38.50 35.13 12.31
CA LYS E 138 -37.08 34.91 12.53
C LYS E 138 -36.32 36.17 12.15
N ALA E 139 -35.14 36.35 12.75
CA ALA E 139 -34.31 37.52 12.51
C ALA E 139 -32.94 37.06 12.00
N THR E 140 -32.45 37.72 10.96
CA THR E 140 -31.16 37.42 10.35
C THR E 140 -30.26 38.65 10.43
N LEU E 141 -29.04 38.45 10.94
CA LEU E 141 -28.05 39.51 11.01
C LEU E 141 -26.97 39.24 9.96
N VAL E 142 -26.54 40.30 9.28
CA VAL E 142 -25.55 40.21 8.21
C VAL E 142 -24.24 40.83 8.71
N CYS E 143 -23.14 40.15 8.44
CA CYS E 143 -21.80 40.62 8.78
C CYS E 143 -20.99 40.72 7.50
N LEU E 144 -20.46 41.90 7.22
CA LEU E 144 -19.76 42.17 5.98
C LEU E 144 -18.31 42.55 6.28
N ALA E 145 -17.37 41.78 5.73
CA ALA E 145 -15.95 42.09 5.80
C ALA E 145 -15.50 42.58 4.43
N THR E 146 -14.88 43.76 4.39
CA THR E 146 -14.59 44.44 3.13
C THR E 146 -13.16 44.94 3.11
N GLY E 147 -12.51 44.79 1.97
CA GLY E 147 -11.21 45.39 1.74
C GLY E 147 -10.04 44.69 2.39
N PHE E 148 -9.97 43.36 2.30
CA PHE E 148 -8.87 42.60 2.85
C PHE E 148 -8.20 41.78 1.75
N TYR E 149 -6.90 41.52 1.94
CA TYR E 149 -6.11 40.77 0.98
C TYR E 149 -4.86 40.24 1.67
N PRO E 150 -4.58 38.93 1.59
CA PRO E 150 -5.36 37.94 0.85
C PRO E 150 -6.56 37.41 1.65
N ASP E 151 -7.08 36.26 1.24
CA ASP E 151 -8.29 35.68 1.84
C ASP E 151 -7.95 34.71 2.96
N HIS E 152 -7.16 35.16 3.92
CA HIS E 152 -6.83 34.36 5.10
C HIS E 152 -7.63 34.88 6.30
N VAL E 153 -8.94 34.71 6.20
CA VAL E 153 -9.87 35.20 7.20
C VAL E 153 -10.68 34.03 7.76
N GLU E 154 -10.99 34.11 9.05
CA GLU E 154 -11.81 33.11 9.74
C GLU E 154 -12.91 33.84 10.49
N LEU E 155 -14.14 33.76 9.97
CA LEU E 155 -15.28 34.45 10.55
C LEU E 155 -16.01 33.54 11.52
N SER E 156 -16.51 34.13 12.61
CA SER E 156 -17.27 33.40 13.61
C SER E 156 -18.19 34.36 14.34
N TRP E 157 -19.37 33.86 14.70
CA TRP E 157 -20.34 34.64 15.45
C TRP E 157 -20.25 34.31 16.94
N TRP E 158 -20.48 35.33 17.78
CA TRP E 158 -20.44 35.17 19.22
C TRP E 158 -21.64 35.90 19.81
N VAL E 159 -22.57 35.15 20.41
CA VAL E 159 -23.72 35.72 21.09
C VAL E 159 -23.55 35.47 22.59
N ASN E 160 -23.64 36.55 23.37
CA ASN E 160 -23.51 36.47 24.83
C ASN E 160 -22.19 35.82 25.24
N GLY E 161 -21.13 36.12 24.49
CA GLY E 161 -19.80 35.68 24.83
C GLY E 161 -19.49 34.23 24.55
N LYS E 162 -20.33 33.53 23.78
CA LYS E 162 -20.08 32.14 23.43
C LYS E 162 -20.34 31.94 21.95
N GLU E 163 -19.43 31.25 21.27
CA GLU E 163 -19.56 31.03 19.84
C GLU E 163 -20.70 30.07 19.53
N VAL E 164 -21.46 30.38 18.49
CA VAL E 164 -22.60 29.56 18.08
C VAL E 164 -22.43 29.17 16.62
N HIS E 165 -23.09 28.07 16.24
CA HIS E 165 -23.03 27.55 14.88
C HIS E 165 -24.38 27.32 14.24
N SER E 166 -25.47 27.27 15.00
CA SER E 166 -26.79 27.08 14.43
C SER E 166 -27.30 28.37 13.81
N GLY E 167 -28.03 28.23 12.70
CA GLY E 167 -28.53 29.39 11.99
C GLY E 167 -27.47 30.28 11.43
N VAL E 168 -26.25 29.77 11.24
CA VAL E 168 -25.12 30.54 10.75
C VAL E 168 -24.76 30.06 9.36
N CYS E 169 -24.69 31.00 8.40
CA CYS E 169 -24.24 30.71 7.04
C CYS E 169 -23.08 31.63 6.71
N THR E 170 -21.98 31.06 6.24
CA THR E 170 -20.80 31.81 5.87
C THR E 170 -20.43 31.47 4.43
N ASP E 171 -20.09 32.49 3.65
CA ASP E 171 -19.73 32.27 2.26
C ASP E 171 -18.53 31.35 2.17
N PRO E 172 -18.55 30.35 1.28
CA PRO E 172 -17.41 29.42 1.22
C PRO E 172 -16.14 30.06 0.69
N GLN E 173 -16.26 30.98 -0.26
CA GLN E 173 -15.11 31.60 -0.89
C GLN E 173 -15.33 33.11 -1.01
N PRO E 174 -14.33 33.91 -0.66
CA PRO E 174 -14.48 35.36 -0.79
C PRO E 174 -14.57 35.79 -2.24
N LEU E 175 -15.32 36.87 -2.47
CA LEU E 175 -15.53 37.41 -3.80
C LEU E 175 -14.68 38.66 -4.00
N LYS E 176 -14.18 38.85 -5.23
CA LYS E 176 -13.38 40.02 -5.55
C LYS E 176 -14.27 41.24 -5.75
N GLU E 177 -13.79 42.40 -5.27
CA GLU E 177 -14.51 43.64 -5.50
C GLU E 177 -14.42 44.04 -6.97
N GLN E 178 -13.21 44.33 -7.44
CA GLN E 178 -12.96 44.63 -8.84
C GLN E 178 -12.22 43.48 -9.49
N PRO E 179 -12.90 42.61 -10.26
CA PRO E 179 -12.21 41.45 -10.83
C PRO E 179 -11.19 41.77 -11.91
N ALA E 180 -11.00 43.05 -12.25
CA ALA E 180 -10.06 43.43 -13.30
C ALA E 180 -8.64 43.59 -12.78
N LEU E 181 -8.49 44.12 -11.56
CA LEU E 181 -7.16 44.33 -11.01
C LEU E 181 -6.47 43.00 -10.74
N ASN E 182 -5.13 43.02 -10.79
CA ASN E 182 -4.37 41.78 -10.61
C ASN E 182 -4.56 41.21 -9.21
N ASP E 183 -4.34 42.04 -8.18
CA ASP E 183 -4.51 41.63 -6.79
C ASP E 183 -5.69 42.42 -6.21
N SER E 184 -6.90 41.95 -6.52
CA SER E 184 -8.09 42.65 -6.08
C SER E 184 -8.35 42.41 -4.59
N ARG E 185 -9.00 43.39 -3.96
CA ARG E 185 -9.46 43.22 -2.59
C ARG E 185 -10.53 42.13 -2.52
N TYR E 186 -10.68 41.55 -1.34
CA TYR E 186 -11.63 40.48 -1.13
C TYR E 186 -12.75 40.94 -0.18
N ALA E 187 -13.88 40.25 -0.27
CA ALA E 187 -15.03 40.52 0.57
C ALA E 187 -15.63 39.22 1.06
N LEU E 188 -16.26 39.27 2.23
CA LEU E 188 -16.85 38.09 2.83
C LEU E 188 -18.10 38.47 3.61
N SER E 189 -19.19 37.74 3.38
CA SER E 189 -20.45 37.97 4.06
C SER E 189 -20.84 36.75 4.89
N SER E 190 -21.64 36.99 5.91
CA SER E 190 -22.08 35.93 6.80
C SER E 190 -23.45 36.27 7.36
N ARG E 191 -24.22 35.24 7.69
CA ARG E 191 -25.58 35.41 8.18
C ARG E 191 -25.75 34.64 9.49
N LEU E 192 -26.56 35.19 10.39
CA LEU E 192 -26.90 34.56 11.65
C LEU E 192 -28.40 34.62 11.84
N ARG E 193 -29.06 33.47 11.84
CA ARG E 193 -30.51 33.38 11.98
C ARG E 193 -30.86 33.06 13.42
N VAL E 194 -31.73 33.88 14.01
CA VAL E 194 -32.15 33.72 15.39
C VAL E 194 -33.65 34.02 15.48
N SER E 195 -34.25 33.64 16.60
CA SER E 195 -35.68 33.88 16.81
C SER E 195 -35.97 35.37 16.82
N ALA E 196 -37.14 35.75 16.29
CA ALA E 196 -37.53 37.16 16.29
C ALA E 196 -37.68 37.69 17.70
N THR E 197 -38.10 36.84 18.64
CA THR E 197 -38.16 37.25 20.04
C THR E 197 -36.76 37.35 20.64
N PHE E 198 -35.82 36.53 20.18
CA PHE E 198 -34.46 36.60 20.69
C PHE E 198 -33.79 37.92 20.31
N TRP E 199 -34.02 38.39 19.08
CA TRP E 199 -33.46 39.66 18.66
C TRP E 199 -34.18 40.84 19.31
N GLN E 200 -35.48 40.71 19.56
CA GLN E 200 -36.22 41.82 20.18
C GLN E 200 -35.77 42.07 21.61
N ASN E 201 -35.27 41.05 22.30
CA ASN E 201 -34.77 41.22 23.65
C ASN E 201 -33.46 42.01 23.61
N PRO E 202 -33.43 43.23 24.16
CA PRO E 202 -32.22 44.05 24.06
C PRO E 202 -31.09 43.63 24.97
N ARG E 203 -31.25 42.57 25.76
CA ARG E 203 -30.22 42.12 26.68
C ARG E 203 -29.23 41.16 26.03
N ASN E 204 -29.53 40.64 24.84
CA ASN E 204 -28.62 39.74 24.14
C ASN E 204 -27.65 40.55 23.28
N HIS E 205 -26.38 40.15 23.31
CA HIS E 205 -25.31 40.84 22.60
C HIS E 205 -24.79 39.94 21.50
N PHE E 206 -24.82 40.44 20.27
CA PHE E 206 -24.32 39.72 19.10
C PHE E 206 -23.00 40.33 18.65
N ARG E 207 -22.05 39.49 18.29
CA ARG E 207 -20.71 39.94 17.91
C ARG E 207 -20.20 39.10 16.75
N CYS E 208 -19.75 39.76 15.68
CA CYS E 208 -19.15 39.10 14.54
C CYS E 208 -17.64 39.29 14.61
N GLN E 209 -16.92 38.19 14.80
CA GLN E 209 -15.47 38.20 14.92
C GLN E 209 -14.85 37.63 13.66
N VAL E 210 -13.89 38.35 13.09
CA VAL E 210 -13.17 37.93 11.88
C VAL E 210 -11.69 37.88 12.20
N GLN E 211 -11.14 36.66 12.23
CA GLN E 211 -9.72 36.46 12.47
C GLN E 211 -8.97 36.56 11.15
N PHE E 212 -8.27 37.67 10.95
CA PHE E 212 -7.50 37.90 9.73
C PHE E 212 -6.04 37.51 9.97
N TYR E 213 -5.48 36.77 9.00
CA TYR E 213 -4.08 36.36 9.04
C TYR E 213 -3.31 37.19 8.03
N GLY E 214 -2.27 37.89 8.51
CA GLY E 214 -1.48 38.74 7.64
C GLY E 214 0.00 38.46 7.70
N LEU E 215 0.79 39.49 7.98
CA LEU E 215 2.25 39.36 7.97
C LEU E 215 2.75 38.81 9.30
N SER E 216 3.75 37.95 9.22
CA SER E 216 4.46 37.49 10.40
C SER E 216 5.55 38.49 10.78
N GLU E 217 6.20 38.24 11.91
CA GLU E 217 7.25 39.14 12.36
C GLU E 217 8.43 39.16 11.41
N ASN E 218 8.70 38.03 10.74
CA ASN E 218 9.90 37.91 9.91
C ASN E 218 9.92 38.94 8.78
N ASP E 219 8.76 39.33 8.28
CA ASP E 219 8.69 40.29 7.19
C ASP E 219 8.90 41.71 7.71
N GLU E 220 9.68 42.49 6.96
CA GLU E 220 9.92 43.88 7.31
C GLU E 220 8.76 44.76 6.85
N TRP E 221 8.74 45.99 7.36
CA TRP E 221 7.68 46.94 7.03
C TRP E 221 8.25 48.35 7.12
N THR E 222 8.25 49.06 6.00
CA THR E 222 8.79 50.41 5.93
C THR E 222 7.75 51.46 5.58
N GLN E 223 6.50 51.06 5.33
CA GLN E 223 5.47 52.01 4.94
C GLN E 223 4.86 52.68 6.17
N ASP E 224 4.29 53.88 5.94
CA ASP E 224 3.68 54.63 7.03
C ASP E 224 2.44 53.93 7.58
N ARG E 225 1.74 53.16 6.75
CA ARG E 225 0.55 52.45 7.22
C ARG E 225 0.94 51.40 8.26
N ALA E 226 -0.02 51.09 9.13
CA ALA E 226 0.21 50.08 10.16
C ALA E 226 0.52 48.73 9.53
N LYS E 227 1.29 47.92 10.24
CA LYS E 227 1.66 46.60 9.74
C LYS E 227 0.41 45.75 9.57
N PRO E 228 0.21 45.11 8.41
CA PRO E 228 -0.98 44.25 8.27
C PRO E 228 -0.76 42.92 8.99
N VAL E 229 -0.61 43.00 10.32
CA VAL E 229 -0.30 41.81 11.10
C VAL E 229 -1.57 40.98 11.31
N THR E 230 -1.38 39.71 11.67
CA THR E 230 -2.50 38.84 12.02
C THR E 230 -3.31 39.44 13.16
N GLN E 231 -4.46 40.03 12.83
CA GLN E 231 -5.27 40.76 13.80
C GLN E 231 -6.73 40.31 13.69
N ILE E 232 -7.56 40.85 14.57
CA ILE E 232 -8.99 40.54 14.62
C ILE E 232 -9.76 41.85 14.57
N VAL E 233 -10.64 41.97 13.57
CA VAL E 233 -11.53 43.12 13.44
C VAL E 233 -12.94 42.64 13.76
N SER E 234 -13.58 43.27 14.74
CA SER E 234 -14.87 42.82 15.24
C SER E 234 -15.89 43.93 15.17
N ALA E 235 -17.16 43.53 15.22
CA ALA E 235 -18.29 44.46 15.26
C ALA E 235 -19.42 43.80 16.03
N GLU E 236 -20.05 44.55 16.92
CA GLU E 236 -21.07 44.00 17.81
C GLU E 236 -22.40 44.72 17.59
N ALA E 237 -23.43 44.16 18.21
CA ALA E 237 -24.78 44.71 18.12
C ALA E 237 -25.62 44.20 19.28
N TRP E 238 -26.61 45.00 19.67
CA TRP E 238 -27.54 44.65 20.73
C TRP E 238 -28.96 44.63 20.19
N GLY E 239 -29.84 43.94 20.90
CA GLY E 239 -31.23 43.86 20.52
C GLY E 239 -31.98 45.17 20.68
C1 GOL F . 26.67 -17.42 -3.16
O1 GOL F . 26.35 -18.67 -2.64
C2 GOL F . 26.08 -17.37 -4.59
O2 GOL F . 24.70 -17.51 -4.59
C3 GOL F . 26.54 -16.00 -5.15
O3 GOL F . 26.13 -15.95 -6.48
C1 NAG G . -19.39 6.05 -14.09
C2 NAG G . -19.82 6.56 -15.46
C3 NAG G . -21.19 6.00 -15.83
C4 NAG G . -21.17 4.48 -15.73
C5 NAG G . -20.68 4.04 -14.37
C6 NAG G . -20.51 2.53 -14.24
C7 NAG G . -18.91 8.76 -16.08
C8 NAG G . -19.11 10.24 -16.00
N2 NAG G . -19.86 8.02 -15.48
O3 NAG G . -21.52 6.40 -17.15
O4 NAG G . -22.47 3.95 -15.95
O5 NAG G . -19.38 4.62 -14.09
O6 NAG G . -19.93 2.18 -13.00
O7 NAG G . -17.95 8.25 -16.63
#